data_4AIL
#
_entry.id   4AIL
#
_cell.length_a   92.850
_cell.length_b   126.770
_cell.length_c   205.630
_cell.angle_alpha   90.00
_cell.angle_beta   90.00
_cell.angle_gamma   90.00
#
_symmetry.space_group_name_H-M   'C 2 2 21'
#
loop_
_entity.id
_entity.type
_entity.pdbx_description
1 polymer "5'-D(*AP*CP*GP*GP*GP*TP*AP*AP*GP*CP*AP)-3'"
2 polymer "5'-D(*TP*GP*CP*TP*TP*AP*CP*DOCP)-3'"
3 polymer 'DNA POLYMERASE'
4 water water
#
loop_
_entity_poly.entity_id
_entity_poly.type
_entity_poly.pdbx_seq_one_letter_code
_entity_poly.pdbx_strand_id
1 'polydeoxyribonucleotide' (DA)(DC)(DG)(DG)(DG)(DT)(DA)(DA)(DG)(DC)(DA) A
2 'polydeoxyribonucleotide' (DT)(DG)(DC)(DT)(DT)(DA)(DC)(DOC) B
3 'polypeptide(L)'
;MILDVDYITEEGKPVIRLFKKENGKFKIEHDRTFRPYIYALLRDDSKIEEVKKITGERHGKIVRIVDVEKVEKKFLGKPI
TVWKLYLEHPQDQPTIREKVREHPAVVDIFEYDIPFAKRYLIDKGLIPMEGEEELKILAFAIATLYHEGEEFGKGPIIMI
SYADENEAKVITWKNIDLPYVEVVSSEREMIKRFLRIIREKDPDIIVTYNGDSFDFPYLAKRAEKLGIKLTIGRDGSEPK
MQRIGDMTAVEVKGRIHFDLYHVITRTINLPTYTLEAVYEAIFGKPKEKVYADEIAKAWESGENLERVAKYSMEDAKATY
ELGKEFLPMEIQLSRLIGQPLWDVSRSSTGNLVEWFLLRKAYERNEVAPNKPSEEEYQRRLRESYTGGFVKEPEKGLWDD
IVYLDFIALYPSIIITHNVSPDTLNLEGCKNYDIAPQVGHKFCKDIPGFIPSLLGHLLEERQKIKTKMKETQDPIEKILL
DYRQKAIKLLANSFYGYYGYAKARWYCKECAESVTAWGRKYIELVWKELEEKFGFKVLYIDTDGLHATIPGGESEEIKKK
ALEFVKYINSKLPGLLELEYEGFYKRGFFVTKKRYAVIDEEGKVITRGLEIVRRDWSEIAKETQARVLETILKHGDVEEA
VRIVKEVIQKLANYEIPPEKLAIYEQITRPLHEYKAIGPHVAVAKKLAAKGVKIKPGMVIGYIVLRGDGPISNRAILAEE
YDPKKHKYDAEYYIENQVLPAVLRILEGFGYRKEDLRYQKTRQVGLTSWLNIKKS
;
C
#
# COMPACT_ATOMS: atom_id res chain seq x y z
N MET C 1 -25.31 9.36 -0.83
CA MET C 1 -24.02 9.12 -1.53
C MET C 1 -23.96 7.71 -2.11
N ILE C 2 -23.22 7.56 -3.20
CA ILE C 2 -23.07 6.26 -3.87
C ILE C 2 -22.08 5.39 -3.11
N LEU C 3 -22.52 4.20 -2.70
CA LEU C 3 -21.65 3.28 -1.95
C LEU C 3 -20.99 2.25 -2.85
N ASP C 4 -21.74 1.73 -3.81
CA ASP C 4 -21.20 0.76 -4.77
C ASP C 4 -22.02 0.76 -6.07
N VAL C 5 -21.62 -0.08 -7.02
CA VAL C 5 -22.37 -0.30 -8.26
C VAL C 5 -22.15 -1.72 -8.76
N ASP C 6 -23.09 -2.21 -9.57
CA ASP C 6 -22.95 -3.48 -10.26
C ASP C 6 -23.95 -3.55 -11.41
N TYR C 7 -24.01 -4.72 -12.06
CA TYR C 7 -25.03 -4.97 -13.07
C TYR C 7 -25.57 -6.40 -12.95
N ILE C 8 -26.80 -6.58 -13.43
CA ILE C 8 -27.42 -7.91 -13.51
C ILE C 8 -28.10 -8.07 -14.87
N THR C 9 -28.14 -9.31 -15.36
CA THR C 9 -28.74 -9.61 -16.66
C THR C 9 -30.23 -9.88 -16.52
N GLU C 10 -31.04 -8.92 -16.97
CA GLU C 10 -32.50 -8.99 -16.87
C GLU C 10 -33.07 -9.35 -18.24
N GLU C 11 -33.18 -10.65 -18.50
CA GLU C 11 -33.70 -11.18 -19.76
C GLU C 11 -32.80 -10.86 -20.96
N GLY C 12 -31.50 -11.07 -20.77
CA GLY C 12 -30.53 -10.86 -21.85
C GLY C 12 -29.88 -9.49 -21.91
N LYS C 13 -30.56 -8.47 -21.38
CA LYS C 13 -30.03 -7.10 -21.36
C LYS C 13 -29.46 -6.76 -19.99
N PRO C 14 -28.43 -5.89 -19.94
CA PRO C 14 -27.75 -5.56 -18.69
C PRO C 14 -28.38 -4.37 -17.96
N VAL C 15 -28.51 -4.48 -16.64
CA VAL C 15 -29.13 -3.43 -15.82
C VAL C 15 -28.18 -2.94 -14.72
N ILE C 16 -27.76 -1.69 -14.85
CA ILE C 16 -26.90 -1.06 -13.84
C ILE C 16 -27.69 -0.76 -12.57
N ARG C 17 -27.16 -1.18 -11.43
CA ARG C 17 -27.75 -0.85 -10.13
C ARG C 17 -26.80 0.04 -9.34
N LEU C 18 -27.35 1.12 -8.77
CA LEU C 18 -26.60 2.05 -7.94
C LEU C 18 -27.03 1.89 -6.49
N PHE C 19 -26.13 1.35 -5.67
CA PHE C 19 -26.39 1.19 -4.23
C PHE C 19 -26.12 2.49 -3.49
N LYS C 20 -27.15 3.33 -3.38
CA LYS C 20 -27.00 4.66 -2.80
C LYS C 20 -27.25 4.69 -1.29
N LYS C 21 -27.12 5.88 -0.70
CA LYS C 21 -27.45 6.12 0.70
C LYS C 21 -27.69 7.63 0.87
N GLU C 22 -28.96 8.04 0.77
CA GLU C 22 -29.31 9.46 0.77
C GLU C 22 -30.16 9.86 1.98
N ASN C 23 -29.66 10.84 2.74
CA ASN C 23 -30.34 11.35 3.94
C ASN C 23 -30.89 10.25 4.85
N GLY C 24 -30.05 9.27 5.17
CA GLY C 24 -30.41 8.19 6.09
C GLY C 24 -30.98 6.97 5.42
N LYS C 25 -31.73 7.15 4.32
CA LYS C 25 -32.38 6.03 3.63
C LYS C 25 -31.46 5.40 2.59
N PHE C 26 -31.23 4.09 2.72
CA PHE C 26 -30.52 3.31 1.72
C PHE C 26 -31.48 2.93 0.60
N LYS C 27 -31.17 3.32 -0.63
CA LYS C 27 -32.05 3.03 -1.76
C LYS C 27 -31.32 2.61 -3.04
N ILE C 28 -31.66 1.43 -3.55
CA ILE C 28 -31.13 0.91 -4.82
C ILE C 28 -31.76 1.66 -5.98
N GLU C 29 -30.96 2.00 -6.99
CA GLU C 29 -31.42 2.75 -8.15
C GLU C 29 -31.01 2.04 -9.43
N HIS C 30 -32.00 1.60 -10.21
CA HIS C 30 -31.75 0.83 -11.43
C HIS C 30 -31.62 1.73 -12.66
N ASP C 31 -30.99 1.19 -13.70
CA ASP C 31 -30.89 1.86 -14.98
C ASP C 31 -30.72 0.83 -16.09
N ARG C 32 -31.54 0.95 -17.14
CA ARG C 32 -31.48 0.06 -18.31
C ARG C 32 -31.05 0.79 -19.58
N THR C 33 -30.72 2.08 -19.44
CA THR C 33 -30.42 2.93 -20.58
C THR C 33 -28.99 2.78 -21.09
N PHE C 34 -28.09 2.28 -20.24
CA PHE C 34 -26.66 2.31 -20.54
C PHE C 34 -26.22 1.13 -21.39
N ARG C 35 -25.41 1.42 -22.41
CA ARG C 35 -25.00 0.46 -23.43
C ARG C 35 -23.49 0.17 -23.38
N PRO C 36 -23.10 -1.12 -23.34
CA PRO C 36 -21.68 -1.46 -23.50
C PRO C 36 -21.18 -1.19 -24.91
N TYR C 37 -19.89 -0.93 -25.06
CA TYR C 37 -19.31 -0.60 -26.36
C TYR C 37 -17.80 -0.77 -26.37
N ILE C 38 -17.22 -0.68 -27.56
CA ILE C 38 -15.78 -0.60 -27.74
C ILE C 38 -15.47 0.35 -28.90
N TYR C 39 -14.18 0.63 -29.09
CA TYR C 39 -13.75 1.50 -30.18
C TYR C 39 -12.97 0.70 -31.20
N ALA C 40 -13.08 1.10 -32.46
CA ALA C 40 -12.37 0.46 -33.55
C ALA C 40 -11.82 1.52 -34.49
N LEU C 41 -10.52 1.45 -34.75
CA LEU C 41 -9.86 2.37 -35.67
C LEU C 41 -9.73 1.68 -37.03
N LEU C 42 -10.29 2.31 -38.06
CA LEU C 42 -10.28 1.73 -39.40
C LEU C 42 -9.26 2.42 -40.30
N ARG C 43 -8.72 1.66 -41.26
CA ARG C 43 -7.86 2.22 -42.30
C ARG C 43 -8.72 2.97 -43.28
N ASP C 44 -9.84 2.35 -43.65
CA ASP C 44 -10.76 2.89 -44.64
C ASP C 44 -12.15 3.03 -44.00
N ASP C 45 -12.54 4.26 -43.67
CA ASP C 45 -13.80 4.51 -42.96
C ASP C 45 -15.04 4.11 -43.79
N SER C 46 -14.87 3.94 -45.09
CA SER C 46 -15.94 3.41 -45.95
C SER C 46 -16.22 1.93 -45.66
N LYS C 47 -15.20 1.20 -45.19
CA LYS C 47 -15.35 -0.23 -44.84
C LYS C 47 -16.10 -0.46 -43.52
N ILE C 48 -16.73 0.58 -42.99
CA ILE C 48 -17.58 0.44 -41.81
C ILE C 48 -18.78 -0.47 -42.09
N GLU C 49 -19.33 -0.38 -43.30
CA GLU C 49 -20.54 -1.12 -43.67
C GLU C 49 -20.32 -2.64 -43.65
N GLU C 50 -19.06 -3.07 -43.82
CA GLU C 50 -18.69 -4.47 -43.64
C GLU C 50 -18.54 -4.81 -42.15
N VAL C 51 -17.81 -3.96 -41.42
CA VAL C 51 -17.50 -4.20 -40.01
C VAL C 51 -18.76 -4.17 -39.14
N LYS C 52 -19.71 -3.32 -39.54
CA LYS C 52 -21.03 -3.25 -38.91
C LYS C 52 -21.72 -4.61 -38.84
N LYS C 53 -21.40 -5.49 -39.79
CA LYS C 53 -22.06 -6.79 -39.94
C LYS C 53 -21.32 -7.98 -39.32
N ILE C 54 -20.26 -7.72 -38.55
CA ILE C 54 -19.47 -8.80 -37.95
C ILE C 54 -20.21 -9.39 -36.75
N THR C 55 -20.04 -10.70 -36.54
CA THR C 55 -20.85 -11.46 -35.59
C THR C 55 -20.06 -12.55 -34.87
N GLY C 56 -20.27 -12.66 -33.56
CA GLY C 56 -19.64 -13.71 -32.74
C GLY C 56 -20.67 -14.65 -32.16
N GLU C 57 -20.36 -15.24 -31.00
CA GLU C 57 -21.25 -16.19 -30.33
C GLU C 57 -20.89 -16.36 -28.85
N ARG C 58 -21.90 -16.64 -28.03
CA ARG C 58 -21.71 -16.81 -26.59
C ARG C 58 -22.76 -17.73 -25.98
N HIS C 59 -22.31 -18.82 -25.35
CA HIS C 59 -23.21 -19.82 -24.77
C HIS C 59 -24.29 -20.26 -25.75
N GLY C 60 -23.85 -20.71 -26.92
CA GLY C 60 -24.76 -21.21 -27.96
C GLY C 60 -25.29 -20.14 -28.90
N LYS C 61 -25.77 -19.04 -28.33
CA LYS C 61 -26.46 -17.99 -29.10
C LYS C 61 -25.51 -17.16 -29.95
N ILE C 62 -26.09 -16.41 -30.88
CA ILE C 62 -25.34 -15.59 -31.83
C ILE C 62 -25.35 -14.11 -31.40
N VAL C 63 -24.20 -13.46 -31.49
CA VAL C 63 -24.00 -12.10 -30.99
C VAL C 63 -23.56 -11.15 -32.09
N ARG C 64 -24.13 -9.93 -32.10
CA ARG C 64 -23.83 -8.94 -33.13
C ARG C 64 -23.71 -7.52 -32.58
N ILE C 65 -23.24 -6.61 -33.42
CA ILE C 65 -23.08 -5.20 -33.05
C ILE C 65 -24.40 -4.47 -33.21
N VAL C 66 -25.01 -4.11 -32.07
CA VAL C 66 -26.33 -3.50 -32.06
C VAL C 66 -26.38 -2.13 -32.76
N ASP C 67 -25.28 -1.38 -32.72
CA ASP C 67 -25.26 -0.05 -33.33
C ASP C 67 -23.83 0.44 -33.58
N VAL C 68 -23.70 1.60 -34.23
CA VAL C 68 -22.41 2.13 -34.62
C VAL C 68 -22.49 3.66 -34.80
N GLU C 69 -21.49 4.37 -34.28
CA GLU C 69 -21.40 5.83 -34.44
C GLU C 69 -19.97 6.27 -34.77
N LYS C 70 -19.84 7.29 -35.60
CA LYS C 70 -18.54 7.85 -35.96
C LYS C 70 -18.20 9.03 -35.05
N VAL C 71 -17.25 8.81 -34.15
CA VAL C 71 -16.86 9.82 -33.16
C VAL C 71 -15.42 10.26 -33.38
N GLU C 72 -15.16 11.56 -33.25
CA GLU C 72 -13.79 12.06 -33.24
C GLU C 72 -13.31 12.19 -31.80
N LYS C 73 -12.16 11.58 -31.52
CA LYS C 73 -11.55 11.56 -30.20
C LYS C 73 -10.14 12.12 -30.31
N LYS C 74 -9.33 11.94 -29.28
CA LYS C 74 -7.89 12.18 -29.37
C LYS C 74 -7.15 10.91 -28.99
N PHE C 75 -5.88 10.81 -29.41
CA PHE C 75 -5.01 9.75 -28.94
C PHE C 75 -3.60 10.28 -28.72
N LEU C 76 -3.21 10.35 -27.44
CA LEU C 76 -1.96 11.00 -27.04
C LEU C 76 -1.90 12.43 -27.59
N GLY C 77 -2.99 13.16 -27.44
CA GLY C 77 -3.08 14.56 -27.88
C GLY C 77 -3.55 14.74 -29.31
N LYS C 78 -3.11 13.84 -30.20
CA LYS C 78 -3.41 13.93 -31.63
C LYS C 78 -4.86 13.55 -31.93
N PRO C 79 -5.56 14.35 -32.75
CA PRO C 79 -6.93 13.99 -33.14
C PRO C 79 -7.01 12.71 -33.96
N ILE C 80 -8.00 11.87 -33.62
CA ILE C 80 -8.18 10.57 -34.24
C ILE C 80 -9.67 10.36 -34.53
N THR C 81 -9.96 9.72 -35.66
CA THR C 81 -11.34 9.34 -35.98
C THR C 81 -11.51 7.86 -35.72
N VAL C 82 -12.51 7.51 -34.90
CA VAL C 82 -12.72 6.14 -34.47
C VAL C 82 -14.21 5.84 -34.41
N TRP C 83 -14.57 4.59 -34.70
CA TRP C 83 -15.97 4.17 -34.68
C TRP C 83 -16.31 3.50 -33.35
N LYS C 84 -17.43 3.91 -32.76
CA LYS C 84 -17.87 3.40 -31.47
C LYS C 84 -18.85 2.24 -31.69
N LEU C 85 -18.39 1.02 -31.47
CA LEU C 85 -19.22 -0.16 -31.68
C LEU C 85 -20.00 -0.53 -30.42
N TYR C 86 -21.30 -0.21 -30.39
CA TYR C 86 -22.16 -0.59 -29.28
C TYR C 86 -22.56 -2.04 -29.42
N LEU C 87 -22.61 -2.75 -28.28
CA LEU C 87 -23.11 -4.12 -28.23
C LEU C 87 -24.35 -4.13 -27.36
N GLU C 88 -24.85 -5.33 -27.05
CA GLU C 88 -26.02 -5.46 -26.18
C GLU C 88 -25.61 -5.77 -24.75
N HIS C 89 -24.72 -6.74 -24.57
CA HIS C 89 -24.28 -7.17 -23.25
C HIS C 89 -22.78 -6.98 -23.11
N PRO C 90 -22.31 -6.60 -21.90
CA PRO C 90 -20.87 -6.39 -21.72
C PRO C 90 -20.03 -7.67 -21.90
N GLN C 91 -20.61 -8.83 -21.64
CA GLN C 91 -19.92 -10.09 -21.86
C GLN C 91 -19.87 -10.52 -23.34
N ASP C 92 -20.45 -9.69 -24.23
CA ASP C 92 -20.29 -9.87 -25.68
C ASP C 92 -18.94 -9.31 -26.17
N GLN C 93 -18.35 -8.41 -25.39
CA GLN C 93 -17.12 -7.70 -25.79
C GLN C 93 -15.92 -8.63 -26.11
N PRO C 94 -15.69 -9.67 -25.30
CA PRO C 94 -14.58 -10.58 -25.61
C PRO C 94 -14.69 -11.27 -26.98
N THR C 95 -15.88 -11.73 -27.34
CA THR C 95 -16.07 -12.45 -28.61
C THR C 95 -16.04 -11.51 -29.82
N ILE C 96 -16.70 -10.36 -29.72
CA ILE C 96 -16.72 -9.38 -30.82
C ILE C 96 -15.33 -8.83 -31.09
N ARG C 97 -14.63 -8.41 -30.04
CA ARG C 97 -13.27 -7.89 -30.17
C ARG C 97 -12.42 -8.80 -31.05
N GLU C 98 -12.34 -10.07 -30.67
CA GLU C 98 -11.54 -11.07 -31.37
C GLU C 98 -11.78 -11.02 -32.87
N LYS C 99 -13.04 -11.13 -33.26
CA LYS C 99 -13.41 -11.21 -34.68
C LYS C 99 -13.22 -9.89 -35.42
N VAL C 100 -13.31 -8.77 -34.72
CA VAL C 100 -13.10 -7.45 -35.34
C VAL C 100 -11.61 -7.19 -35.63
N ARG C 101 -10.72 -7.69 -34.77
CA ARG C 101 -9.27 -7.58 -34.98
C ARG C 101 -8.84 -8.26 -36.27
N GLU C 102 -9.36 -9.47 -36.50
CA GLU C 102 -9.05 -10.26 -37.70
C GLU C 102 -9.24 -9.47 -39.00
N HIS C 103 -10.29 -8.64 -39.03
CA HIS C 103 -10.63 -7.82 -40.19
C HIS C 103 -9.43 -6.98 -40.68
N PRO C 104 -9.14 -7.03 -42.00
CA PRO C 104 -7.98 -6.27 -42.52
C PRO C 104 -8.17 -4.75 -42.48
N ALA C 105 -9.41 -4.29 -42.61
CA ALA C 105 -9.73 -2.86 -42.53
C ALA C 105 -9.84 -2.31 -41.10
N VAL C 106 -9.47 -3.13 -40.10
CA VAL C 106 -9.36 -2.67 -38.71
C VAL C 106 -7.90 -2.67 -38.31
N VAL C 107 -7.39 -1.52 -37.90
CA VAL C 107 -6.02 -1.40 -37.44
C VAL C 107 -5.93 -1.94 -36.01
N ASP C 108 -6.71 -1.35 -35.11
CA ASP C 108 -6.74 -1.75 -33.70
C ASP C 108 -8.10 -1.43 -33.10
N ILE C 109 -8.31 -1.86 -31.86
CA ILE C 109 -9.54 -1.56 -31.12
C ILE C 109 -9.21 -1.30 -29.65
N PHE C 110 -9.91 -0.33 -29.05
CA PHE C 110 -9.56 0.17 -27.72
C PHE C 110 -10.72 0.20 -26.74
N GLU C 111 -10.38 0.29 -25.46
CA GLU C 111 -11.34 0.40 -24.34
C GLU C 111 -12.39 -0.70 -24.40
N TYR C 112 -11.90 -1.93 -24.41
CA TYR C 112 -12.74 -3.12 -24.58
C TYR C 112 -12.87 -3.99 -23.33
N ASP C 113 -11.85 -3.96 -22.47
CA ASP C 113 -11.82 -4.79 -21.26
C ASP C 113 -11.97 -3.94 -20.00
N ILE C 114 -12.77 -2.89 -20.07
CA ILE C 114 -13.06 -2.07 -18.92
C ILE C 114 -14.40 -2.54 -18.35
N PRO C 115 -14.42 -3.00 -17.08
CA PRO C 115 -15.65 -3.52 -16.48
C PRO C 115 -16.85 -2.59 -16.64
N PHE C 116 -18.02 -3.18 -16.82
CA PHE C 116 -19.22 -2.46 -17.24
C PHE C 116 -19.72 -1.43 -16.22
N ALA C 117 -19.71 -1.79 -14.94
CA ALA C 117 -20.14 -0.89 -13.86
C ALA C 117 -19.21 0.31 -13.70
N LYS C 118 -17.94 0.11 -14.05
CA LYS C 118 -16.93 1.16 -13.97
C LYS C 118 -17.07 2.15 -15.13
N ARG C 119 -17.44 1.66 -16.31
CA ARG C 119 -17.81 2.54 -17.43
C ARG C 119 -18.89 3.49 -16.96
N TYR C 120 -19.91 2.94 -16.31
CA TYR C 120 -21.07 3.70 -15.87
C TYR C 120 -20.65 4.86 -14.99
N LEU C 121 -19.80 4.58 -14.00
CA LEU C 121 -19.31 5.61 -13.09
C LEU C 121 -18.53 6.68 -13.85
N ILE C 122 -17.61 6.25 -14.71
CA ILE C 122 -16.78 7.18 -15.47
C ILE C 122 -17.61 8.02 -16.43
N ASP C 123 -18.42 7.34 -17.24
CA ASP C 123 -19.17 7.99 -18.32
C ASP C 123 -20.25 8.94 -17.77
N LYS C 124 -20.97 8.51 -16.76
CA LYS C 124 -21.98 9.34 -16.11
C LYS C 124 -21.37 10.37 -15.16
N GLY C 125 -20.06 10.32 -14.98
CA GLY C 125 -19.36 11.29 -14.15
C GLY C 125 -19.71 11.22 -12.68
N LEU C 126 -20.14 10.06 -12.22
CA LEU C 126 -20.55 9.88 -10.84
C LEU C 126 -19.35 9.59 -9.95
N ILE C 127 -19.38 10.10 -8.72
CA ILE C 127 -18.30 9.92 -7.76
C ILE C 127 -18.84 9.29 -6.47
N PRO C 128 -18.35 8.07 -6.13
CA PRO C 128 -18.64 7.44 -4.85
C PRO C 128 -18.19 8.25 -3.64
N MET C 129 -18.92 8.11 -2.53
CA MET C 129 -18.57 8.72 -1.24
C MET C 129 -18.49 10.25 -1.30
N GLU C 130 -19.47 10.87 -1.95
CA GLU C 130 -19.58 12.33 -1.99
C GLU C 130 -20.64 12.82 -1.01
N GLY C 131 -20.61 14.10 -0.70
CA GLY C 131 -21.64 14.73 0.12
C GLY C 131 -21.59 14.39 1.60
N GLU C 132 -22.55 14.94 2.34
CA GLU C 132 -22.59 14.82 3.79
C GLU C 132 -23.50 13.67 4.20
N GLU C 133 -22.91 12.58 4.65
CA GLU C 133 -23.67 11.41 5.11
C GLU C 133 -22.93 10.67 6.23
N GLU C 134 -23.63 10.46 7.34
CA GLU C 134 -23.09 9.70 8.46
C GLU C 134 -23.25 8.21 8.19
N LEU C 135 -22.19 7.57 7.73
CA LEU C 135 -22.22 6.15 7.43
C LEU C 135 -22.14 5.33 8.71
N LYS C 136 -22.96 4.29 8.81
CA LYS C 136 -22.90 3.39 9.94
C LYS C 136 -21.77 2.37 9.73
N ILE C 137 -20.88 2.27 10.70
CA ILE C 137 -19.75 1.35 10.64
C ILE C 137 -19.89 0.29 11.73
N LEU C 138 -19.41 -0.92 11.43
CA LEU C 138 -19.42 -2.03 12.40
C LEU C 138 -18.24 -2.95 12.13
N ALA C 139 -17.34 -3.05 13.11
CA ALA C 139 -16.20 -3.96 13.04
C ALA C 139 -16.60 -5.31 13.64
N PHE C 140 -15.89 -6.37 13.27
CA PHE C 140 -16.11 -7.68 13.89
C PHE C 140 -14.93 -8.64 13.72
N ALA C 141 -14.80 -9.57 14.66
CA ALA C 141 -13.75 -10.60 14.61
C ALA C 141 -14.25 -11.90 15.22
N ILE C 142 -13.64 -13.01 14.84
CA ILE C 142 -14.04 -14.34 15.31
C ILE C 142 -12.89 -15.02 16.07
N ALA C 143 -13.18 -16.20 16.61
CA ALA C 143 -12.19 -17.01 17.31
C ALA C 143 -12.44 -18.49 17.02
N THR C 144 -11.37 -19.21 16.67
CA THR C 144 -11.47 -20.59 16.19
C THR C 144 -10.83 -21.59 17.15
N LEU C 145 -11.48 -22.73 17.36
CA LEU C 145 -10.90 -23.85 18.13
C LEU C 145 -9.98 -24.66 17.22
N TYR C 146 -8.74 -24.21 17.08
CA TYR C 146 -7.78 -24.85 16.19
C TYR C 146 -6.91 -25.86 16.92
N HIS C 147 -6.72 -27.02 16.30
CA HIS C 147 -5.68 -27.97 16.71
C HIS C 147 -4.65 -28.02 15.58
N GLU C 148 -3.40 -28.34 15.93
CA GLU C 148 -2.26 -28.24 15.00
C GLU C 148 -2.40 -29.11 13.74
N GLY C 149 -3.08 -30.25 13.87
CA GLY C 149 -3.25 -31.18 12.75
C GLY C 149 -4.51 -30.95 11.91
N GLU C 150 -5.52 -30.31 12.50
CA GLU C 150 -6.83 -30.13 11.85
C GLU C 150 -6.78 -29.32 10.55
N GLU C 151 -7.73 -29.60 9.67
CA GLU C 151 -7.85 -28.90 8.39
C GLU C 151 -8.48 -27.52 8.60
N PHE C 152 -8.61 -26.75 7.52
CA PHE C 152 -9.25 -25.44 7.58
C PHE C 152 -10.76 -25.60 7.65
N GLY C 153 -11.34 -25.33 8.82
CA GLY C 153 -12.79 -25.33 8.99
C GLY C 153 -13.34 -26.36 9.97
N LYS C 154 -12.62 -27.47 10.16
CA LYS C 154 -13.09 -28.54 11.05
C LYS C 154 -13.32 -28.06 12.49
N GLY C 155 -12.50 -27.13 12.96
CA GLY C 155 -12.66 -26.55 14.28
C GLY C 155 -13.87 -25.63 14.36
N PRO C 156 -14.70 -25.79 15.42
CA PRO C 156 -15.84 -24.88 15.62
C PRO C 156 -15.43 -23.44 15.88
N ILE C 157 -16.25 -22.49 15.44
CA ILE C 157 -16.10 -21.10 15.84
C ILE C 157 -16.58 -20.98 17.27
N ILE C 158 -15.71 -20.46 18.13
CA ILE C 158 -15.97 -20.37 19.56
C ILE C 158 -16.67 -19.07 19.91
N MET C 159 -16.17 -17.97 19.36
CA MET C 159 -16.69 -16.64 19.66
C MET C 159 -16.84 -15.82 18.39
N ILE C 160 -17.71 -14.81 18.49
CA ILE C 160 -17.84 -13.79 17.46
C ILE C 160 -18.04 -12.46 18.19
N SER C 161 -17.05 -11.58 18.09
CA SER C 161 -17.12 -10.28 18.73
C SER C 161 -17.42 -9.19 17.70
N TYR C 162 -18.11 -8.14 18.13
CA TYR C 162 -18.42 -7.02 17.25
C TYR C 162 -18.24 -5.70 18.00
N ALA C 163 -17.84 -4.67 17.25
CA ALA C 163 -17.54 -3.36 17.84
C ALA C 163 -18.30 -2.23 17.16
N ASP C 164 -18.44 -1.12 17.86
CA ASP C 164 -19.28 -0.02 17.42
C ASP C 164 -18.84 1.27 18.12
N GLU C 165 -19.45 2.39 17.73
CA GLU C 165 -19.17 3.68 18.37
C GLU C 165 -19.74 3.75 19.79
N ASN C 166 -20.86 3.08 20.02
CA ASN C 166 -21.57 3.11 21.29
C ASN C 166 -21.17 1.95 22.20
N GLU C 167 -21.14 0.74 21.64
CA GLU C 167 -20.88 -0.47 22.42
C GLU C 167 -19.82 -1.37 21.77
N ALA C 168 -19.50 -2.47 22.43
CA ALA C 168 -18.56 -3.47 21.91
C ALA C 168 -18.68 -4.76 22.71
N LYS C 169 -19.26 -5.79 22.09
CA LYS C 169 -19.62 -7.03 22.81
C LYS C 169 -18.98 -8.28 22.22
N VAL C 170 -19.18 -9.40 22.90
CA VAL C 170 -18.75 -10.73 22.44
C VAL C 170 -19.91 -11.72 22.54
N ILE C 171 -19.95 -12.69 21.63
CA ILE C 171 -21.01 -13.70 21.59
C ILE C 171 -20.41 -15.10 21.60
N THR C 172 -20.66 -15.84 22.68
CA THR C 172 -20.12 -17.20 22.84
C THR C 172 -21.19 -18.19 23.32
N TRP C 173 -20.86 -19.48 23.28
CA TRP C 173 -21.79 -20.55 23.68
C TRP C 173 -21.28 -21.42 24.83
N LYS C 174 -20.38 -20.87 25.63
CA LYS C 174 -20.08 -21.41 26.96
C LYS C 174 -20.44 -20.32 27.96
N ASN C 175 -20.47 -20.67 29.24
CA ASN C 175 -20.88 -19.72 30.28
C ASN C 175 -19.73 -18.85 30.78
N ILE C 176 -19.70 -17.61 30.29
CA ILE C 176 -18.74 -16.61 30.72
C ILE C 176 -19.51 -15.44 31.32
N ASP C 177 -19.23 -15.14 32.58
CA ASP C 177 -19.98 -14.14 33.35
C ASP C 177 -19.35 -12.74 33.26
N LEU C 178 -19.71 -12.00 32.21
CA LEU C 178 -19.21 -10.64 32.00
C LEU C 178 -20.32 -9.78 31.40
N PRO C 179 -20.26 -8.45 31.61
CA PRO C 179 -21.33 -7.57 31.12
C PRO C 179 -21.40 -7.47 29.60
N TYR C 180 -20.27 -7.63 28.92
CA TYR C 180 -20.21 -7.53 27.45
C TYR C 180 -20.39 -8.87 26.73
N VAL C 181 -20.21 -9.98 27.46
CA VAL C 181 -20.40 -11.32 26.88
C VAL C 181 -21.89 -11.67 26.77
N GLU C 182 -22.23 -12.43 25.72
CA GLU C 182 -23.59 -12.89 25.50
C GLU C 182 -23.60 -14.42 25.36
N VAL C 183 -24.07 -15.11 26.41
CA VAL C 183 -24.12 -16.56 26.41
C VAL C 183 -25.24 -17.06 25.50
N VAL C 184 -24.99 -18.19 24.82
CA VAL C 184 -25.90 -18.69 23.79
C VAL C 184 -25.87 -20.22 23.74
N SER C 185 -26.97 -20.82 23.30
CA SER C 185 -27.16 -22.27 23.34
C SER C 185 -26.07 -23.08 22.65
N SER C 186 -25.65 -22.63 21.46
CA SER C 186 -24.71 -23.38 20.64
C SER C 186 -24.00 -22.50 19.61
N GLU C 187 -23.08 -23.11 18.86
CA GLU C 187 -22.42 -22.45 17.74
C GLU C 187 -23.46 -21.95 16.76
N ARG C 188 -24.43 -22.81 16.46
CA ARG C 188 -25.55 -22.48 15.59
C ARG C 188 -26.19 -21.16 15.98
N GLU C 189 -26.54 -21.01 17.26
CA GLU C 189 -27.26 -19.84 17.73
C GLU C 189 -26.35 -18.61 17.89
N MET C 190 -25.04 -18.85 17.99
CA MET C 190 -24.05 -17.77 18.01
C MET C 190 -24.09 -17.05 16.66
N ILE C 191 -23.93 -17.82 15.59
CA ILE C 191 -23.97 -17.31 14.22
C ILE C 191 -25.30 -16.60 13.93
N LYS C 192 -26.39 -17.14 14.45
CA LYS C 192 -27.72 -16.56 14.26
C LYS C 192 -27.86 -15.19 14.91
N ARG C 193 -27.35 -15.07 16.13
CA ARG C 193 -27.38 -13.80 16.85
C ARG C 193 -26.53 -12.77 16.11
N PHE C 194 -25.42 -13.23 15.56
CA PHE C 194 -24.55 -12.36 14.77
C PHE C 194 -25.35 -11.73 13.64
N LEU C 195 -26.01 -12.58 12.86
CA LEU C 195 -26.81 -12.12 11.72
C LEU C 195 -27.91 -11.14 12.16
N ARG C 196 -28.53 -11.42 13.30
CA ARG C 196 -29.54 -10.54 13.85
C ARG C 196 -28.92 -9.18 14.22
N ILE C 197 -27.76 -9.21 14.88
CA ILE C 197 -27.04 -7.98 15.24
C ILE C 197 -26.73 -7.13 14.01
N ILE C 198 -26.37 -7.78 12.90
CA ILE C 198 -26.04 -7.08 11.67
C ILE C 198 -27.28 -6.42 11.07
N ARG C 199 -28.40 -7.14 11.06
CA ARG C 199 -29.68 -6.59 10.61
C ARG C 199 -30.15 -5.45 11.50
N GLU C 200 -29.98 -5.60 12.81
CA GLU C 200 -30.40 -4.57 13.77
C GLU C 200 -29.61 -3.27 13.58
N LYS C 201 -28.29 -3.40 13.54
CA LYS C 201 -27.40 -2.26 13.40
C LYS C 201 -27.54 -1.62 12.01
N ASP C 202 -27.59 -2.48 10.98
CA ASP C 202 -27.63 -2.06 9.59
C ASP C 202 -26.42 -1.18 9.21
N PRO C 203 -25.23 -1.80 9.12
CA PRO C 203 -24.02 -1.05 8.80
C PRO C 203 -23.90 -0.74 7.33
N ASP C 204 -23.48 0.46 7.00
CA ASP C 204 -23.14 0.81 5.63
C ASP C 204 -21.77 0.22 5.27
N ILE C 205 -20.92 0.05 6.28
CA ILE C 205 -19.58 -0.50 6.12
C ILE C 205 -19.32 -1.58 7.18
N ILE C 206 -18.84 -2.75 6.75
CA ILE C 206 -18.38 -3.78 7.67
C ILE C 206 -16.85 -3.76 7.66
N VAL C 207 -16.24 -3.48 8.80
CA VAL C 207 -14.78 -3.45 8.92
C VAL C 207 -14.27 -4.78 9.47
N THR C 208 -13.13 -5.25 8.95
CA THR C 208 -12.41 -6.38 9.56
C THR C 208 -10.90 -6.20 9.43
N TYR C 209 -10.17 -7.09 10.09
CA TYR C 209 -8.74 -7.24 9.89
C TYR C 209 -8.45 -8.67 9.42
N ASN C 210 -8.14 -8.80 8.13
CA ASN C 210 -7.91 -10.10 7.47
C ASN C 210 -9.21 -10.86 7.14
N GLY C 211 -10.30 -10.12 6.98
CA GLY C 211 -11.60 -10.71 6.67
C GLY C 211 -11.64 -11.47 5.37
N ASP C 212 -11.09 -10.88 4.30
CA ASP C 212 -11.09 -11.51 2.98
C ASP C 212 -10.56 -12.95 3.01
N SER C 213 -9.48 -13.16 3.76
CA SER C 213 -8.76 -14.43 3.74
C SER C 213 -9.18 -15.40 4.84
N PHE C 214 -9.51 -14.88 6.02
CA PHE C 214 -9.81 -15.73 7.18
C PHE C 214 -11.26 -15.65 7.68
N ASP C 215 -11.64 -14.50 8.25
CA ASP C 215 -12.92 -14.38 8.95
C ASP C 215 -14.12 -14.89 8.14
N PHE C 216 -14.32 -14.31 6.95
CA PHE C 216 -15.49 -14.68 6.13
C PHE C 216 -15.46 -16.13 5.62
N PRO C 217 -14.36 -16.55 4.97
CA PRO C 217 -14.29 -17.94 4.51
C PRO C 217 -14.45 -19.00 5.61
N TYR C 218 -14.09 -18.67 6.85
CA TYR C 218 -14.29 -19.60 7.96
C TYR C 218 -15.77 -19.70 8.30
N LEU C 219 -16.43 -18.54 8.48
CA LEU C 219 -17.88 -18.47 8.67
C LEU C 219 -18.62 -19.31 7.63
N ALA C 220 -18.29 -19.09 6.36
CA ALA C 220 -18.90 -19.82 5.25
C ALA C 220 -18.82 -21.33 5.45
N LYS C 221 -17.64 -21.84 5.83
CA LYS C 221 -17.46 -23.27 6.04
C LYS C 221 -18.35 -23.81 7.16
N ARG C 222 -18.45 -23.04 8.24
CA ARG C 222 -19.26 -23.45 9.40
C ARG C 222 -20.75 -23.33 9.10
N ALA C 223 -21.15 -22.23 8.48
CA ALA C 223 -22.55 -22.01 8.10
C ALA C 223 -23.04 -23.03 7.07
N GLU C 224 -22.11 -23.63 6.33
CA GLU C 224 -22.44 -24.73 5.42
C GLU C 224 -22.79 -25.97 6.21
N LYS C 225 -21.91 -26.35 7.15
CA LYS C 225 -22.10 -27.56 7.96
C LYS C 225 -23.28 -27.44 8.92
N LEU C 226 -23.57 -26.23 9.37
CA LEU C 226 -24.71 -26.01 10.26
C LEU C 226 -26.00 -25.62 9.53
N GLY C 227 -25.96 -25.57 8.20
CA GLY C 227 -27.15 -25.27 7.39
C GLY C 227 -27.74 -23.90 7.68
N ILE C 228 -26.89 -22.87 7.64
CA ILE C 228 -27.29 -21.49 7.96
C ILE C 228 -26.88 -20.56 6.82
N LYS C 229 -27.85 -19.80 6.30
CA LYS C 229 -27.58 -18.85 5.24
C LYS C 229 -27.10 -17.55 5.86
N LEU C 230 -25.93 -17.10 5.45
CA LEU C 230 -25.30 -15.90 6.01
C LEU C 230 -25.91 -14.64 5.40
N THR C 231 -27.06 -14.24 5.93
CA THR C 231 -27.87 -13.18 5.33
C THR C 231 -27.32 -11.77 5.64
N ILE C 232 -26.07 -11.54 5.29
CA ILE C 232 -25.34 -10.34 5.71
C ILE C 232 -25.61 -9.16 4.78
N GLY C 233 -25.80 -9.45 3.49
CA GLY C 233 -26.07 -8.42 2.51
C GLY C 233 -27.43 -7.80 2.72
N ARG C 234 -27.59 -6.54 2.31
CA ARG C 234 -28.88 -5.86 2.36
C ARG C 234 -29.87 -6.48 1.35
N ASP C 235 -29.32 -7.10 0.31
CA ASP C 235 -30.10 -7.89 -0.64
C ASP C 235 -30.58 -9.22 -0.01
N GLY C 236 -30.30 -9.41 1.28
CA GLY C 236 -30.52 -10.70 1.94
C GLY C 236 -29.47 -11.74 1.57
N SER C 237 -28.55 -11.36 0.69
CA SER C 237 -27.63 -12.29 0.06
C SER C 237 -26.43 -12.63 0.94
N GLU C 238 -25.67 -13.65 0.52
CA GLU C 238 -24.50 -14.11 1.26
C GLU C 238 -23.23 -13.39 0.82
N PRO C 239 -22.17 -13.43 1.64
CA PRO C 239 -20.87 -12.92 1.20
C PRO C 239 -20.32 -13.74 0.04
N LYS C 240 -19.96 -13.04 -1.05
CA LYS C 240 -19.45 -13.68 -2.26
C LYS C 240 -17.96 -13.39 -2.42
N MET C 241 -17.19 -14.42 -2.72
CA MET C 241 -15.77 -14.25 -3.02
C MET C 241 -15.63 -13.74 -4.45
N GLN C 242 -14.94 -12.61 -4.59
CA GLN C 242 -14.73 -11.98 -5.90
C GLN C 242 -13.25 -11.72 -6.12
N ARG C 243 -12.68 -12.31 -7.17
CA ARG C 243 -11.29 -12.07 -7.53
C ARG C 243 -11.10 -10.64 -8.05
N ILE C 244 -10.03 -9.99 -7.61
CA ILE C 244 -9.71 -8.62 -8.04
C ILE C 244 -8.33 -8.54 -8.70
N GLY C 245 -7.31 -9.14 -8.07
CA GLY C 245 -5.99 -9.28 -8.68
C GLY C 245 -5.74 -10.75 -8.90
N ASP C 246 -4.59 -11.24 -8.41
CA ASP C 246 -4.41 -12.67 -8.18
C ASP C 246 -5.03 -13.01 -6.82
N MET C 247 -5.22 -11.96 -6.01
CA MET C 247 -5.91 -12.05 -4.73
C MET C 247 -7.41 -12.34 -4.92
N THR C 248 -8.01 -13.00 -3.92
CA THR C 248 -9.45 -13.27 -3.89
C THR C 248 -10.08 -12.57 -2.69
N ALA C 249 -10.80 -11.49 -2.95
CA ALA C 249 -11.45 -10.69 -1.89
C ALA C 249 -12.83 -11.25 -1.55
N VAL C 250 -13.57 -10.53 -0.69
CA VAL C 250 -14.91 -10.93 -0.30
C VAL C 250 -15.86 -9.73 -0.37
N GLU C 251 -17.05 -9.97 -0.90
CA GLU C 251 -18.00 -8.91 -1.22
C GLU C 251 -19.30 -9.12 -0.45
N VAL C 252 -19.96 -8.01 -0.11
CA VAL C 252 -21.26 -8.04 0.58
C VAL C 252 -22.16 -6.98 -0.06
N LYS C 253 -23.31 -7.42 -0.58
CA LYS C 253 -24.19 -6.54 -1.35
C LYS C 253 -24.84 -5.46 -0.49
N GLY C 254 -24.81 -4.22 -0.98
CA GLY C 254 -25.43 -3.10 -0.26
C GLY C 254 -24.61 -2.57 0.90
N ARG C 255 -23.56 -3.30 1.27
CA ARG C 255 -22.64 -2.86 2.31
C ARG C 255 -21.23 -2.86 1.72
N ILE C 256 -20.27 -2.30 2.45
CA ILE C 256 -18.88 -2.26 2.00
C ILE C 256 -18.00 -3.02 2.95
N HIS C 257 -17.56 -4.20 2.54
CA HIS C 257 -16.55 -4.94 3.30
C HIS C 257 -15.23 -4.18 3.21
N PHE C 258 -14.68 -3.83 4.38
CA PHE C 258 -13.44 -3.08 4.45
C PHE C 258 -12.42 -3.86 5.25
N ASP C 259 -11.57 -4.60 4.55
CA ASP C 259 -10.48 -5.34 5.17
C ASP C 259 -9.29 -4.41 5.37
N LEU C 260 -8.96 -4.12 6.63
CA LEU C 260 -7.87 -3.18 6.97
C LEU C 260 -6.50 -3.69 6.51
N TYR C 261 -6.29 -5.00 6.62
CA TYR C 261 -5.01 -5.64 6.30
C TYR C 261 -4.40 -5.17 4.98
N HIS C 262 -5.24 -4.98 3.96
CA HIS C 262 -4.76 -4.54 2.65
C HIS C 262 -4.29 -3.09 2.69
N VAL C 263 -5.13 -2.22 3.26
CA VAL C 263 -4.82 -0.79 3.34
C VAL C 263 -3.60 -0.57 4.24
N ILE C 264 -3.57 -1.24 5.39
CA ILE C 264 -2.49 -1.08 6.35
C ILE C 264 -1.13 -1.38 5.73
N THR C 265 -0.95 -2.60 5.24
CA THR C 265 0.34 -3.05 4.70
C THR C 265 1.02 -2.03 3.78
N ARG C 266 0.22 -1.29 3.02
CA ARG C 266 0.75 -0.31 2.05
C ARG C 266 0.92 1.10 2.62
N THR C 267 0.35 1.37 3.80
CA THR C 267 0.42 2.70 4.40
C THR C 267 1.67 2.90 5.24
N ILE C 268 2.00 1.91 6.06
CA ILE C 268 3.19 1.95 6.91
C ILE C 268 4.05 0.70 6.71
N ASN C 269 5.23 0.68 7.33
CA ASN C 269 6.18 -0.43 7.18
C ASN C 269 6.67 -0.96 8.53
N LEU C 270 5.82 -1.75 9.17
CA LEU C 270 6.11 -2.33 10.49
C LEU C 270 6.82 -3.66 10.35
N PRO C 271 7.40 -4.18 11.45
CA PRO C 271 8.08 -5.48 11.38
C PRO C 271 7.12 -6.63 11.12
N THR C 272 6.09 -6.74 11.94
CA THR C 272 5.07 -7.77 11.79
C THR C 272 3.69 -7.11 11.69
N TYR C 273 2.81 -7.71 10.88
CA TYR C 273 1.48 -7.17 10.64
C TYR C 273 0.36 -7.98 11.31
N THR C 274 0.60 -8.43 12.54
CA THR C 274 -0.46 -8.97 13.36
C THR C 274 -1.28 -7.79 13.90
N LEU C 275 -2.52 -8.06 14.30
CA LEU C 275 -3.42 -7.02 14.80
C LEU C 275 -2.85 -6.32 16.04
N GLU C 276 -2.10 -7.08 16.84
CA GLU C 276 -1.50 -6.57 18.07
C GLU C 276 -0.40 -5.56 17.73
N ALA C 277 0.52 -5.99 16.87
CA ALA C 277 1.63 -5.14 16.42
C ALA C 277 1.15 -3.80 15.86
N VAL C 278 0.17 -3.87 14.95
CA VAL C 278 -0.33 -2.69 14.26
C VAL C 278 -0.99 -1.68 15.21
N TYR C 279 -1.74 -2.19 16.18
CA TYR C 279 -2.49 -1.35 17.11
C TYR C 279 -1.57 -0.46 17.94
N GLU C 280 -0.54 -1.07 18.51
CA GLU C 280 0.48 -0.36 19.28
C GLU C 280 1.21 0.68 18.42
N ALA C 281 1.58 0.27 17.21
CA ALA C 281 2.35 1.11 16.30
C ALA C 281 1.58 2.34 15.78
N ILE C 282 0.27 2.40 16.02
CA ILE C 282 -0.54 3.52 15.56
C ILE C 282 -0.92 4.44 16.72
N PHE C 283 -1.48 3.85 17.78
CA PHE C 283 -1.97 4.63 18.91
C PHE C 283 -0.92 4.74 20.01
N GLY C 284 -0.36 3.60 20.43
CA GLY C 284 0.71 3.57 21.44
C GLY C 284 0.50 2.52 22.51
N LYS C 285 -0.71 2.48 23.07
CA LYS C 285 -1.04 1.55 24.15
C LYS C 285 -1.04 0.07 23.69
N PRO C 286 -0.87 -0.88 24.63
CA PRO C 286 -0.63 -2.28 24.26
C PRO C 286 -1.87 -3.12 23.99
N LYS C 287 -1.65 -4.31 23.46
CA LYS C 287 -2.69 -5.34 23.30
C LYS C 287 -2.00 -6.70 23.14
N GLU C 288 -2.26 -7.62 24.07
CA GLU C 288 -1.61 -8.93 24.05
C GLU C 288 -2.30 -9.90 23.12
N LYS C 289 -1.67 -11.06 22.89
CA LYS C 289 -2.26 -12.13 22.11
C LYS C 289 -2.35 -13.42 22.91
N VAL C 290 -3.52 -14.06 22.85
CA VAL C 290 -3.71 -15.41 23.37
C VAL C 290 -3.67 -16.36 22.19
N TYR C 291 -2.74 -17.32 22.22
CA TYR C 291 -2.52 -18.23 21.10
C TYR C 291 -3.59 -19.32 21.01
N ALA C 292 -3.73 -19.90 19.82
CA ALA C 292 -4.70 -20.97 19.56
C ALA C 292 -4.48 -22.18 20.47
N ASP C 293 -3.22 -22.42 20.83
CA ASP C 293 -2.86 -23.50 21.76
C ASP C 293 -3.37 -23.19 23.17
N GLU C 294 -3.27 -21.93 23.57
CA GLU C 294 -3.69 -21.49 24.90
C GLU C 294 -5.21 -21.46 25.06
N ILE C 295 -5.91 -21.15 23.96
CA ILE C 295 -7.38 -21.08 23.97
C ILE C 295 -8.02 -22.48 23.98
N ALA C 296 -7.46 -23.40 23.19
CA ALA C 296 -7.96 -24.78 23.13
C ALA C 296 -8.04 -25.43 24.50
N LYS C 297 -7.03 -25.17 25.35
CA LYS C 297 -7.04 -25.62 26.74
C LYS C 297 -8.14 -24.91 27.53
N ALA C 298 -8.27 -23.60 27.32
CA ALA C 298 -9.30 -22.80 27.99
C ALA C 298 -10.72 -23.24 27.62
N TRP C 299 -10.86 -23.89 26.47
CA TRP C 299 -12.16 -24.41 26.02
C TRP C 299 -12.49 -25.76 26.66
N GLU C 300 -11.49 -26.63 26.77
CA GLU C 300 -11.70 -27.95 27.39
C GLU C 300 -11.83 -27.80 28.91
N SER C 301 -10.96 -27.00 29.51
CA SER C 301 -11.01 -26.74 30.95
C SER C 301 -12.26 -25.93 31.31
N GLY C 302 -12.53 -24.89 30.53
CA GLY C 302 -13.71 -24.05 30.71
C GLY C 302 -13.62 -23.15 31.93
N GLU C 303 -12.40 -22.90 32.42
CA GLU C 303 -12.19 -22.04 33.58
C GLU C 303 -11.30 -20.83 33.30
N ASN C 304 -10.61 -20.84 32.16
CA ASN C 304 -9.70 -19.75 31.78
C ASN C 304 -10.33 -18.76 30.80
N LEU C 305 -11.64 -18.90 30.57
CA LEU C 305 -12.34 -18.15 29.51
C LEU C 305 -12.64 -16.69 29.88
N GLU C 306 -12.32 -16.28 31.10
CA GLU C 306 -12.49 -14.88 31.52
C GLU C 306 -11.60 -13.95 30.70
N ARG C 307 -10.42 -14.45 30.32
CA ARG C 307 -9.41 -13.68 29.59
C ARG C 307 -9.55 -13.85 28.07
N VAL C 308 -9.89 -15.05 27.63
CA VAL C 308 -10.09 -15.33 26.20
C VAL C 308 -11.24 -14.47 25.64
N ALA C 309 -12.28 -14.28 26.45
CA ALA C 309 -13.37 -13.39 26.09
C ALA C 309 -12.90 -11.94 26.01
N LYS C 310 -12.03 -11.55 26.94
CA LYS C 310 -11.41 -10.21 26.95
C LYS C 310 -10.57 -9.99 25.68
N TYR C 311 -9.87 -11.03 25.25
CA TYR C 311 -9.07 -10.97 24.03
C TYR C 311 -9.96 -10.70 22.83
N SER C 312 -11.00 -11.51 22.66
CA SER C 312 -11.91 -11.39 21.51
C SER C 312 -12.60 -10.04 21.48
N MET C 313 -13.01 -9.55 22.65
CA MET C 313 -13.64 -8.23 22.75
C MET C 313 -12.71 -7.14 22.22
N GLU C 314 -11.43 -7.23 22.60
CA GLU C 314 -10.44 -6.23 22.22
C GLU C 314 -10.14 -6.26 20.72
N ASP C 315 -10.15 -7.43 20.10
CA ASP C 315 -9.93 -7.54 18.65
C ASP C 315 -10.94 -6.69 17.90
N ALA C 316 -12.23 -6.90 18.19
CA ALA C 316 -13.30 -6.12 17.60
C ALA C 316 -13.13 -4.63 17.90
N LYS C 317 -12.89 -4.32 19.18
CA LYS C 317 -12.68 -2.94 19.61
C LYS C 317 -11.49 -2.32 18.86
N ALA C 318 -10.40 -3.06 18.78
CA ALA C 318 -9.23 -2.63 18.03
C ALA C 318 -9.62 -2.34 16.59
N THR C 319 -10.04 -3.38 15.88
CA THR C 319 -10.44 -3.29 14.47
C THR C 319 -11.30 -2.07 14.19
N TYR C 320 -12.23 -1.75 15.09
CA TYR C 320 -13.07 -0.58 14.92
C TYR C 320 -12.26 0.71 14.94
N GLU C 321 -11.35 0.81 15.91
CA GLU C 321 -10.54 2.02 16.08
C GLU C 321 -9.59 2.20 14.91
N LEU C 322 -8.84 1.15 14.58
CA LEU C 322 -8.01 1.13 13.37
C LEU C 322 -8.86 1.54 12.18
N GLY C 323 -9.91 0.77 11.92
CA GLY C 323 -10.85 1.05 10.85
C GLY C 323 -11.25 2.52 10.79
N LYS C 324 -11.65 3.07 11.93
CA LYS C 324 -12.11 4.45 12.03
C LYS C 324 -11.05 5.46 11.58
N GLU C 325 -9.78 5.16 11.82
CA GLU C 325 -8.69 6.07 11.46
C GLU C 325 -8.30 5.96 9.99
N PHE C 326 -8.20 4.72 9.50
CA PHE C 326 -7.76 4.48 8.12
C PHE C 326 -8.84 4.70 7.06
N LEU C 327 -10.09 4.87 7.47
CA LEU C 327 -11.20 4.97 6.51
C LEU C 327 -11.21 6.30 5.74
N PRO C 328 -11.18 7.45 6.46
CA PRO C 328 -11.27 8.73 5.76
C PRO C 328 -10.17 8.93 4.71
N MET C 329 -8.98 8.43 4.99
CA MET C 329 -7.91 8.39 3.98
C MET C 329 -8.41 7.63 2.76
N GLU C 330 -8.92 6.42 3.00
CA GLU C 330 -9.33 5.53 1.92
C GLU C 330 -10.59 6.00 1.20
N ILE C 331 -11.52 6.63 1.93
CA ILE C 331 -12.75 7.14 1.32
C ILE C 331 -12.44 8.40 0.49
N GLN C 332 -11.39 9.13 0.87
CA GLN C 332 -10.95 10.30 0.10
C GLN C 332 -10.25 9.90 -1.19
N LEU C 333 -9.47 8.82 -1.14
CA LEU C 333 -8.92 8.24 -2.36
C LEU C 333 -10.06 7.83 -3.30
N SER C 334 -11.03 7.10 -2.76
CA SER C 334 -12.20 6.67 -3.52
C SER C 334 -12.90 7.86 -4.17
N ARG C 335 -13.06 8.93 -3.40
CA ARG C 335 -13.66 10.16 -3.91
C ARG C 335 -12.82 10.81 -5.02
N LEU C 336 -11.50 10.75 -4.88
CA LEU C 336 -10.59 11.38 -5.83
C LEU C 336 -10.44 10.57 -7.11
N ILE C 337 -10.29 9.25 -6.96
CA ILE C 337 -10.23 8.33 -8.10
C ILE C 337 -11.59 8.26 -8.78
N GLY C 338 -12.65 8.19 -7.98
CA GLY C 338 -14.01 8.06 -8.50
C GLY C 338 -14.38 6.61 -8.70
N GLN C 339 -14.02 5.77 -7.73
CA GLN C 339 -14.37 4.35 -7.76
C GLN C 339 -14.84 3.90 -6.38
N PRO C 340 -15.54 2.75 -6.30
CA PRO C 340 -16.07 2.32 -5.00
C PRO C 340 -14.97 2.01 -3.99
N LEU C 341 -15.22 2.35 -2.73
CA LEU C 341 -14.26 2.12 -1.65
C LEU C 341 -13.79 0.67 -1.59
N TRP C 342 -14.69 -0.28 -1.82
CA TRP C 342 -14.36 -1.70 -1.78
C TRP C 342 -13.14 -2.02 -2.63
N ASP C 343 -13.11 -1.47 -3.84
CA ASP C 343 -12.00 -1.69 -4.78
C ASP C 343 -10.76 -0.92 -4.38
N VAL C 344 -10.93 0.39 -4.19
CA VAL C 344 -9.85 1.27 -3.74
C VAL C 344 -9.08 0.66 -2.58
N SER C 345 -9.80 0.17 -1.58
CA SER C 345 -9.20 -0.41 -0.38
C SER C 345 -8.35 -1.66 -0.64
N ARG C 346 -8.52 -2.27 -1.82
CA ARG C 346 -7.76 -3.46 -2.19
C ARG C 346 -6.90 -3.23 -3.43
N SER C 347 -6.79 -1.97 -3.83
CA SER C 347 -6.16 -1.61 -5.09
C SER C 347 -4.76 -1.01 -4.88
N SER C 348 -3.77 -1.53 -5.62
CA SER C 348 -2.42 -0.98 -5.60
C SER C 348 -2.41 0.45 -6.16
N THR C 349 -1.46 1.24 -5.69
CA THR C 349 -1.32 2.64 -6.13
C THR C 349 -1.14 2.73 -7.65
N GLY C 350 -0.48 1.75 -8.24
CA GLY C 350 -0.39 1.66 -9.70
C GLY C 350 -1.76 1.71 -10.33
N ASN C 351 -2.64 0.80 -9.89
CA ASN C 351 -4.02 0.76 -10.37
C ASN C 351 -4.80 2.02 -10.07
N LEU C 352 -4.61 2.57 -8.87
CA LEU C 352 -5.31 3.79 -8.48
C LEU C 352 -5.04 4.91 -9.50
N VAL C 353 -3.78 5.03 -9.94
CA VAL C 353 -3.43 6.00 -10.98
C VAL C 353 -4.11 5.59 -12.30
N GLU C 354 -4.04 4.32 -12.64
CA GLU C 354 -4.66 3.80 -13.87
C GLU C 354 -6.11 4.27 -13.98
N TRP C 355 -6.92 3.93 -12.97
CA TRP C 355 -8.33 4.31 -12.98
C TRP C 355 -8.51 5.83 -12.97
N PHE C 356 -7.67 6.54 -12.21
CA PHE C 356 -7.73 8.00 -12.17
C PHE C 356 -7.57 8.59 -13.57
N LEU C 357 -6.62 8.04 -14.32
CA LEU C 357 -6.37 8.48 -15.69
C LEU C 357 -7.55 8.15 -16.59
N LEU C 358 -8.01 6.89 -16.56
CA LEU C 358 -9.14 6.46 -17.39
C LEU C 358 -10.30 7.46 -17.34
N ARG C 359 -10.68 7.84 -16.12
CA ARG C 359 -11.77 8.81 -15.89
C ARG C 359 -11.43 10.16 -16.52
N LYS C 360 -10.26 10.69 -16.18
CA LYS C 360 -9.82 11.97 -16.73
C LYS C 360 -9.65 11.89 -18.25
N ALA C 361 -9.23 10.72 -18.73
CA ALA C 361 -9.07 10.47 -20.16
C ALA C 361 -10.42 10.57 -20.88
N TYR C 362 -11.48 10.13 -20.21
CA TYR C 362 -12.84 10.30 -20.72
C TYR C 362 -13.19 11.78 -20.76
N GLU C 363 -12.99 12.46 -19.64
CA GLU C 363 -13.33 13.87 -19.51
C GLU C 363 -12.69 14.76 -20.57
N ARG C 364 -11.50 14.35 -21.05
CA ARG C 364 -10.77 15.11 -22.07
C ARG C 364 -10.97 14.57 -23.47
N ASN C 365 -11.85 13.57 -23.62
CA ASN C 365 -12.11 12.93 -24.92
C ASN C 365 -10.86 12.25 -25.47
N GLU C 366 -10.16 11.54 -24.60
CA GLU C 366 -8.92 10.85 -24.96
C GLU C 366 -9.15 9.34 -24.92
N VAL C 367 -8.71 8.63 -25.96
CA VAL C 367 -8.84 7.18 -26.01
C VAL C 367 -7.69 6.55 -25.24
N ALA C 368 -8.03 5.69 -24.29
CA ALA C 368 -7.03 5.07 -23.44
C ALA C 368 -6.20 4.05 -24.22
N PRO C 369 -4.86 4.13 -24.09
CA PRO C 369 -4.00 3.06 -24.59
C PRO C 369 -4.44 1.70 -24.03
N ASN C 370 -4.20 0.64 -24.78
CA ASN C 370 -4.54 -0.70 -24.33
C ASN C 370 -3.51 -1.25 -23.37
N LYS C 371 -3.93 -2.22 -22.56
CA LYS C 371 -3.00 -2.99 -21.72
C LYS C 371 -1.93 -3.62 -22.60
N PRO C 372 -0.76 -3.92 -22.00
CA PRO C 372 0.28 -4.57 -22.79
C PRO C 372 -0.07 -6.03 -23.11
N SER C 373 0.43 -6.53 -24.24
CA SER C 373 0.30 -7.95 -24.56
C SER C 373 1.20 -8.76 -23.64
N GLU C 374 1.09 -10.08 -23.69
CA GLU C 374 1.93 -10.94 -22.87
C GLU C 374 3.41 -10.75 -23.20
N GLU C 375 3.75 -10.71 -24.48
CA GLU C 375 5.14 -10.53 -24.91
C GLU C 375 5.67 -9.13 -24.58
N GLU C 376 4.83 -8.11 -24.80
CA GLU C 376 5.21 -6.72 -24.53
C GLU C 376 5.43 -6.53 -23.04
N TYR C 377 4.47 -6.99 -22.24
CA TYR C 377 4.60 -6.97 -20.78
C TYR C 377 5.91 -7.61 -20.32
N GLN C 378 6.28 -8.73 -20.92
CA GLN C 378 7.50 -9.44 -20.55
C GLN C 378 8.73 -8.69 -21.05
N ARG C 379 8.62 -8.13 -22.25
CA ARG C 379 9.68 -7.30 -22.83
C ARG C 379 9.84 -5.99 -22.05
N ARG C 380 8.77 -5.53 -21.40
CA ARG C 380 8.83 -4.36 -20.53
C ARG C 380 9.55 -4.66 -19.20
N LEU C 381 9.39 -5.88 -18.69
CA LEU C 381 10.05 -6.28 -17.45
C LEU C 381 11.58 -6.34 -17.64
N ARG C 382 12.02 -6.91 -18.76
CA ARG C 382 13.45 -6.92 -19.09
C ARG C 382 13.84 -5.61 -19.76
N GLU C 383 13.80 -4.53 -18.99
CA GLU C 383 14.07 -3.18 -19.48
C GLU C 383 14.15 -2.27 -18.26
N SER C 384 15.22 -1.48 -18.18
CA SER C 384 15.44 -0.61 -17.03
C SER C 384 16.19 0.67 -17.38
N TYR C 385 16.33 1.52 -16.37
CA TYR C 385 16.98 2.82 -16.51
C TYR C 385 17.62 3.17 -15.17
N THR C 386 18.62 4.06 -15.18
CA THR C 386 19.28 4.46 -13.94
C THR C 386 18.31 5.30 -13.09
N GLY C 387 18.48 5.24 -11.78
CA GLY C 387 17.56 5.87 -10.84
C GLY C 387 18.17 7.10 -10.20
N GLY C 388 18.06 7.19 -8.88
CA GLY C 388 18.53 8.36 -8.14
C GLY C 388 20.01 8.29 -7.89
N PHE C 389 20.63 9.47 -7.75
CA PHE C 389 22.04 9.53 -7.42
C PHE C 389 22.22 9.37 -5.91
N VAL C 390 23.18 8.54 -5.50
CA VAL C 390 23.52 8.37 -4.09
C VAL C 390 25.03 8.48 -3.90
N LYS C 391 25.45 9.56 -3.25
CA LYS C 391 26.86 9.82 -2.98
C LYS C 391 27.40 8.87 -1.91
N GLU C 392 28.61 8.36 -2.13
CA GLU C 392 29.35 7.68 -1.06
C GLU C 392 29.54 8.69 0.06
N PRO C 393 29.17 8.31 1.31
CA PRO C 393 29.20 9.32 2.35
C PRO C 393 30.62 9.68 2.79
N GLU C 394 30.79 10.92 3.23
CA GLU C 394 31.97 11.30 3.99
C GLU C 394 31.80 10.69 5.38
N LYS C 395 32.49 9.58 5.62
CA LYS C 395 32.23 8.73 6.77
C LYS C 395 32.81 9.28 8.08
N GLY C 396 32.24 8.85 9.20
CA GLY C 396 32.69 9.27 10.53
C GLY C 396 31.70 10.17 11.25
N LEU C 397 32.16 10.78 12.34
CA LEU C 397 31.34 11.64 13.18
C LEU C 397 31.48 13.10 12.74
N TRP C 398 30.35 13.79 12.59
CA TRP C 398 30.35 15.20 12.17
C TRP C 398 29.40 16.03 13.03
N ASP C 399 29.83 17.23 13.41
CA ASP C 399 28.99 18.14 14.20
C ASP C 399 28.10 18.99 13.29
N ASP C 400 27.13 19.66 13.93
CA ASP C 400 26.28 20.67 13.30
C ASP C 400 25.96 20.43 11.82
N ILE C 401 25.05 19.49 11.57
CA ILE C 401 24.66 19.09 10.21
C ILE C 401 23.31 19.71 9.83
N VAL C 402 23.12 19.96 8.54
CA VAL C 402 21.85 20.44 8.01
C VAL C 402 21.34 19.49 6.93
N TYR C 403 20.03 19.30 6.89
CA TYR C 403 19.40 18.50 5.85
C TYR C 403 18.58 19.41 4.93
N LEU C 404 18.87 19.36 3.64
CA LEU C 404 18.14 20.12 2.63
C LEU C 404 17.62 19.15 1.58
N ASP C 405 16.33 19.28 1.25
CA ASP C 405 15.68 18.37 0.30
C ASP C 405 14.73 19.14 -0.62
N PHE C 406 14.38 18.52 -1.74
CA PHE C 406 13.44 19.12 -2.69
C PHE C 406 12.00 18.88 -2.28
N ILE C 407 11.16 19.90 -2.42
CA ILE C 407 9.72 19.74 -2.26
C ILE C 407 9.15 19.07 -3.51
N ALA C 408 8.74 17.81 -3.37
CA ALA C 408 8.11 17.06 -4.45
C ALA C 408 8.95 17.11 -5.72
N LEU C 409 10.14 16.54 -5.67
CA LEU C 409 11.09 16.60 -6.78
C LEU C 409 10.49 16.10 -8.08
N TYR C 410 10.02 14.86 -8.09
CA TYR C 410 9.58 14.21 -9.32
C TYR C 410 8.30 14.83 -9.89
N PRO C 411 7.28 15.06 -9.04
CA PRO C 411 6.14 15.85 -9.52
C PRO C 411 6.53 17.17 -10.16
N SER C 412 7.44 17.92 -9.53
CA SER C 412 7.88 19.21 -10.06
C SER C 412 8.64 19.05 -11.37
N ILE C 413 9.49 18.03 -11.48
CA ILE C 413 10.16 17.74 -12.75
C ILE C 413 9.13 17.44 -13.83
N ILE C 414 8.22 16.52 -13.53
CA ILE C 414 7.16 16.13 -14.47
C ILE C 414 6.42 17.36 -14.95
N ILE C 415 5.78 18.06 -14.02
CA ILE C 415 4.99 19.25 -14.35
C ILE C 415 5.79 20.25 -15.19
N THR C 416 6.94 20.67 -14.67
CA THR C 416 7.65 21.84 -15.22
C THR C 416 8.46 21.56 -16.48
N HIS C 417 8.74 20.29 -16.75
CA HIS C 417 9.35 19.90 -18.03
C HIS C 417 8.35 19.14 -18.90
N ASN C 418 7.07 19.17 -18.49
CA ASN C 418 5.97 18.66 -19.30
C ASN C 418 6.21 17.23 -19.79
N VAL C 419 6.66 16.38 -18.87
CA VAL C 419 7.08 15.01 -19.19
C VAL C 419 5.90 14.05 -19.24
N SER C 420 5.66 13.49 -20.44
CA SER C 420 4.57 12.55 -20.65
C SER C 420 4.67 11.94 -22.04
N PRO C 421 4.00 10.80 -22.28
CA PRO C 421 4.15 10.14 -23.57
C PRO C 421 3.59 10.97 -24.72
N ASP C 422 2.50 11.69 -24.48
CA ASP C 422 1.87 12.51 -25.50
C ASP C 422 2.67 13.75 -25.92
N THR C 423 3.75 14.06 -25.20
CA THR C 423 4.66 15.15 -25.61
C THR C 423 6.07 14.66 -25.98
N LEU C 424 6.35 13.37 -25.80
CA LEU C 424 7.67 12.81 -26.11
C LEU C 424 7.98 12.83 -27.60
N ASN C 425 9.05 13.53 -27.98
CA ASN C 425 9.55 13.50 -29.35
C ASN C 425 8.48 13.80 -30.42
N LEU C 426 7.67 14.84 -30.19
CA LEU C 426 6.68 15.28 -31.18
C LEU C 426 7.35 15.88 -32.41
N GLU C 427 6.70 15.73 -33.56
CA GLU C 427 7.24 16.25 -34.83
C GLU C 427 6.99 17.75 -34.95
N GLY C 428 8.05 18.48 -35.33
CA GLY C 428 7.96 19.92 -35.58
C GLY C 428 7.26 20.70 -34.48
N CYS C 429 7.58 20.39 -33.23
CA CYS C 429 7.09 21.14 -32.09
C CYS C 429 8.04 22.32 -31.85
N LYS C 430 7.48 23.51 -31.64
CA LYS C 430 8.25 24.74 -31.51
C LYS C 430 9.33 24.68 -30.42
N ASN C 431 8.91 24.74 -29.16
CA ASN C 431 9.84 24.72 -28.02
C ASN C 431 9.81 23.40 -27.26
N TYR C 432 10.98 22.94 -26.83
CA TYR C 432 11.08 21.72 -26.00
C TYR C 432 12.29 21.74 -25.05
N ASP C 433 12.18 20.96 -23.97
CA ASP C 433 13.29 20.73 -23.05
C ASP C 433 13.87 19.34 -23.32
N ILE C 434 15.20 19.23 -23.27
CA ILE C 434 15.88 17.94 -23.49
C ILE C 434 16.19 17.27 -22.15
N ALA C 435 16.07 15.96 -22.11
CA ALA C 435 16.42 15.20 -20.91
C ALA C 435 17.94 15.07 -20.80
N PRO C 436 18.52 15.44 -19.65
CA PRO C 436 19.95 15.24 -19.39
C PRO C 436 20.38 13.79 -19.54
N GLN C 437 21.51 13.55 -20.19
CA GLN C 437 22.13 12.22 -20.31
C GLN C 437 21.41 11.25 -21.26
N VAL C 438 20.08 11.32 -21.29
CA VAL C 438 19.27 10.39 -22.06
C VAL C 438 18.66 11.03 -23.31
N GLY C 439 18.62 12.36 -23.32
CA GLY C 439 18.37 13.13 -24.55
C GLY C 439 16.97 13.08 -25.13
N HIS C 440 15.97 12.76 -24.32
CA HIS C 440 14.59 12.73 -24.78
C HIS C 440 14.02 14.14 -24.87
N LYS C 441 13.37 14.44 -25.99
CA LYS C 441 12.82 15.78 -26.23
C LYS C 441 11.40 15.81 -25.68
N PHE C 442 11.02 16.91 -25.02
CA PHE C 442 9.67 17.03 -24.51
C PHE C 442 9.02 18.35 -24.91
N CYS C 443 8.01 18.25 -25.77
CA CYS C 443 7.32 19.41 -26.30
C CYS C 443 6.65 20.21 -25.19
N LYS C 444 6.78 21.53 -25.25
CA LYS C 444 6.24 22.41 -24.20
C LYS C 444 5.25 23.47 -24.70
N ASP C 445 4.76 23.31 -25.92
CA ASP C 445 3.76 24.23 -26.48
C ASP C 445 2.42 24.02 -25.79
N ILE C 446 1.92 22.79 -25.85
CA ILE C 446 0.69 22.41 -25.17
C ILE C 446 1.05 21.49 -23.99
N PRO C 447 0.45 21.71 -22.82
CA PRO C 447 0.80 20.87 -21.68
C PRO C 447 0.28 19.45 -21.82
N GLY C 448 1.16 18.45 -21.65
CA GLY C 448 0.83 17.05 -21.80
C GLY C 448 -0.23 16.55 -20.83
N PHE C 449 -0.84 15.41 -21.16
CA PHE C 449 -1.95 14.85 -20.39
C PHE C 449 -1.62 14.74 -18.90
N ILE C 450 -0.66 13.89 -18.56
CA ILE C 450 -0.32 13.65 -17.16
C ILE C 450 0.21 14.89 -16.42
N PRO C 451 1.16 15.62 -17.02
CA PRO C 451 1.60 16.89 -16.44
C PRO C 451 0.43 17.80 -16.07
N SER C 452 -0.49 17.98 -17.01
CA SER C 452 -1.65 18.82 -16.80
C SER C 452 -2.40 18.40 -15.55
N LEU C 453 -2.57 17.09 -15.36
CA LEU C 453 -3.32 16.56 -14.21
C LEU C 453 -2.60 16.75 -12.89
N LEU C 454 -1.27 16.56 -12.87
CA LEU C 454 -0.46 16.85 -11.67
C LEU C 454 -0.57 18.32 -11.27
N GLY C 455 -0.61 19.20 -12.26
CA GLY C 455 -0.83 20.61 -12.02
C GLY C 455 -2.09 20.85 -11.24
N HIS C 456 -3.22 20.32 -11.73
CA HIS C 456 -4.50 20.50 -11.05
C HIS C 456 -4.47 19.94 -9.64
N LEU C 457 -3.82 18.79 -9.48
CA LEU C 457 -3.69 18.15 -8.17
C LEU C 457 -2.90 19.03 -7.20
N LEU C 458 -1.67 19.37 -7.57
CA LEU C 458 -0.81 20.19 -6.72
C LEU C 458 -1.40 21.57 -6.48
N GLU C 459 -2.08 22.12 -7.47
CA GLU C 459 -2.75 23.41 -7.32
C GLU C 459 -3.85 23.31 -6.28
N GLU C 460 -4.66 22.25 -6.36
CA GLU C 460 -5.74 22.02 -5.38
C GLU C 460 -5.16 21.76 -4.00
N ARG C 461 -4.16 20.87 -3.93
CA ARG C 461 -3.47 20.58 -2.67
C ARG C 461 -2.98 21.89 -2.07
N GLN C 462 -2.36 22.73 -2.89
CA GLN C 462 -1.87 24.04 -2.50
C GLN C 462 -2.99 24.96 -2.01
N LYS C 463 -4.17 24.83 -2.62
CA LYS C 463 -5.35 25.59 -2.19
C LYS C 463 -5.86 25.14 -0.82
N ILE C 464 -5.75 23.84 -0.55
CA ILE C 464 -6.21 23.27 0.73
C ILE C 464 -5.29 23.69 1.88
N LYS C 465 -3.98 23.62 1.66
CA LYS C 465 -2.99 23.99 2.67
C LYS C 465 -3.17 25.44 3.14
N THR C 466 -3.38 26.35 2.21
CA THR C 466 -3.63 27.77 2.54
C THR C 466 -4.99 27.94 3.20
N LYS C 467 -5.96 27.12 2.80
CA LYS C 467 -7.29 27.09 3.43
C LYS C 467 -7.20 26.60 4.89
N MET C 468 -6.39 25.57 5.13
CA MET C 468 -6.23 25.03 6.49
C MET C 468 -5.62 26.05 7.45
N LYS C 469 -4.61 26.80 6.98
CA LYS C 469 -4.01 27.88 7.76
C LYS C 469 -5.04 28.95 8.16
N GLU C 470 -5.95 29.25 7.22
CA GLU C 470 -6.89 30.37 7.39
C GLU C 470 -8.25 29.95 7.95
N THR C 471 -8.54 28.65 7.97
CA THR C 471 -9.83 28.15 8.46
C THR C 471 -9.94 28.25 9.99
N GLN C 472 -11.19 28.34 10.46
CA GLN C 472 -11.48 28.55 11.88
C GLN C 472 -12.02 27.27 12.54
N ASP C 473 -13.08 26.71 11.95
CA ASP C 473 -13.72 25.50 12.49
C ASP C 473 -12.75 24.33 12.49
N PRO C 474 -12.46 23.73 13.67
CA PRO C 474 -11.52 22.60 13.71
C PRO C 474 -12.06 21.24 13.25
N ILE C 475 -13.24 21.22 12.62
CA ILE C 475 -13.77 19.98 12.05
C ILE C 475 -13.30 19.86 10.60
N GLU C 476 -13.58 20.87 9.79
CA GLU C 476 -13.13 20.93 8.40
C GLU C 476 -11.60 20.86 8.26
N LYS C 477 -10.89 21.39 9.26
CA LYS C 477 -9.43 21.34 9.34
C LYS C 477 -8.92 19.90 9.19
N ILE C 478 -9.60 18.95 9.82
CA ILE C 478 -9.21 17.55 9.80
C ILE C 478 -9.60 16.87 8.48
N LEU C 479 -10.78 17.18 7.97
CA LEU C 479 -11.24 16.63 6.69
C LEU C 479 -10.39 17.16 5.53
N LEU C 480 -10.05 18.44 5.58
CA LEU C 480 -9.09 19.03 4.64
C LEU C 480 -7.78 18.25 4.66
N ASP C 481 -7.30 17.94 5.87
CA ASP C 481 -6.02 17.25 6.03
C ASP C 481 -6.02 15.89 5.32
N TYR C 482 -7.15 15.21 5.32
CA TYR C 482 -7.28 13.91 4.66
C TYR C 482 -7.27 14.04 3.13
N ARG C 483 -8.05 14.99 2.60
CA ARG C 483 -8.06 15.29 1.17
C ARG C 483 -6.65 15.58 0.68
N GLN C 484 -5.99 16.49 1.39
CA GLN C 484 -4.62 16.91 1.05
C GLN C 484 -3.62 15.76 1.14
N LYS C 485 -3.84 14.82 2.07
CA LYS C 485 -2.97 13.64 2.19
C LYS C 485 -3.21 12.67 1.03
N ALA C 486 -4.45 12.58 0.57
CA ALA C 486 -4.81 11.67 -0.52
C ALA C 486 -4.25 12.14 -1.85
N ILE C 487 -4.36 13.44 -2.11
CA ILE C 487 -3.80 14.04 -3.32
C ILE C 487 -2.28 13.86 -3.36
N LYS C 488 -1.62 13.98 -2.20
CA LYS C 488 -0.19 13.73 -2.08
C LYS C 488 0.15 12.30 -2.47
N LEU C 489 -0.59 11.34 -1.91
CA LEU C 489 -0.35 9.94 -2.19
C LEU C 489 -0.47 9.65 -3.68
N LEU C 490 -1.53 10.17 -4.29
CA LEU C 490 -1.75 10.02 -5.74
C LEU C 490 -0.67 10.76 -6.53
N ALA C 491 -0.43 12.01 -6.17
CA ALA C 491 0.55 12.86 -6.88
C ALA C 491 1.94 12.21 -6.98
N ASN C 492 2.37 11.55 -5.90
CA ASN C 492 3.69 10.92 -5.88
C ASN C 492 3.70 9.48 -6.43
N SER C 493 2.57 9.04 -6.97
CA SER C 493 2.47 7.70 -7.56
C SER C 493 2.70 7.72 -9.08
N PHE C 494 2.82 8.91 -9.66
CA PHE C 494 2.92 9.02 -11.12
C PHE C 494 4.26 8.57 -11.68
N TYR C 495 5.36 8.98 -11.05
CA TYR C 495 6.68 8.55 -11.52
C TYR C 495 6.80 7.03 -11.56
N GLY C 496 6.36 6.38 -10.49
CA GLY C 496 6.37 4.93 -10.43
C GLY C 496 5.45 4.33 -11.48
N TYR C 497 4.30 4.96 -11.67
CA TYR C 497 3.35 4.50 -12.67
C TYR C 497 3.96 4.45 -14.07
N TYR C 498 4.69 5.51 -14.46
CA TYR C 498 5.30 5.57 -15.79
C TYR C 498 6.12 4.32 -16.15
N GLY C 499 6.80 3.73 -15.17
CA GLY C 499 7.61 2.52 -15.40
C GLY C 499 6.96 1.22 -14.94
N TYR C 500 5.67 1.28 -14.62
CA TYR C 500 4.90 0.12 -14.18
C TYR C 500 4.56 -0.74 -15.41
N ALA C 501 5.07 -1.98 -15.43
CA ALA C 501 4.99 -2.85 -16.61
C ALA C 501 3.58 -3.06 -17.19
N LYS C 502 2.57 -3.04 -16.34
CA LYS C 502 1.18 -3.29 -16.76
C LYS C 502 0.43 -2.00 -17.08
N ALA C 503 1.14 -0.88 -17.16
CA ALA C 503 0.50 0.42 -17.30
C ALA C 503 0.05 0.70 -18.73
N ARG C 504 -1.18 1.16 -18.88
CA ARG C 504 -1.68 1.59 -20.17
C ARG C 504 -0.83 2.75 -20.68
N TRP C 505 -0.53 3.70 -19.79
CA TRP C 505 0.28 4.88 -20.13
C TRP C 505 1.73 4.70 -19.71
N TYR C 506 2.24 3.48 -19.79
CA TYR C 506 3.65 3.19 -19.53
C TYR C 506 4.53 4.02 -20.45
N CYS C 507 5.57 4.63 -19.91
CA CYS C 507 6.51 5.42 -20.70
C CYS C 507 7.92 5.43 -20.10
N LYS C 508 8.70 4.40 -20.42
CA LYS C 508 10.05 4.24 -19.89
C LYS C 508 10.88 5.52 -20.08
N GLU C 509 10.76 6.12 -21.25
CA GLU C 509 11.51 7.35 -21.58
C GLU C 509 11.09 8.52 -20.70
N CYS C 510 9.83 8.52 -20.24
CA CYS C 510 9.37 9.52 -19.29
C CYS C 510 10.00 9.27 -17.92
N ALA C 511 9.94 8.04 -17.44
CA ALA C 511 10.52 7.66 -16.14
C ALA C 511 12.02 7.96 -16.09
N GLU C 512 12.71 7.54 -17.14
CA GLU C 512 14.15 7.76 -17.31
C GLU C 512 14.53 9.25 -17.24
N SER C 513 13.71 10.09 -17.86
CA SER C 513 13.97 11.52 -17.93
C SER C 513 13.73 12.23 -16.59
N VAL C 514 12.68 11.84 -15.89
CA VAL C 514 12.40 12.40 -14.55
C VAL C 514 13.57 12.13 -13.63
N THR C 515 14.00 10.88 -13.60
CA THR C 515 15.24 10.47 -12.96
C THR C 515 16.42 11.32 -13.40
N ALA C 516 16.59 11.44 -14.71
CA ALA C 516 17.71 12.19 -15.29
C ALA C 516 17.75 13.60 -14.75
N TRP C 517 16.65 14.35 -14.92
CA TRP C 517 16.53 15.70 -14.37
C TRP C 517 16.78 15.73 -12.86
N GLY C 518 16.33 14.70 -12.15
CA GLY C 518 16.54 14.60 -10.70
C GLY C 518 18.01 14.73 -10.32
N ARG C 519 18.84 13.87 -10.93
CA ARG C 519 20.28 13.87 -10.67
C ARG C 519 20.91 15.21 -11.02
N LYS C 520 20.50 15.78 -12.15
CA LYS C 520 21.02 17.08 -12.59
C LYS C 520 20.79 18.14 -11.51
N TYR C 521 19.54 18.27 -11.09
CA TYR C 521 19.17 19.32 -10.13
C TYR C 521 19.78 19.08 -8.74
N ILE C 522 20.00 17.82 -8.38
CA ILE C 522 20.61 17.52 -7.09
C ILE C 522 22.11 17.82 -7.14
N GLU C 523 22.76 17.44 -8.25
CA GLU C 523 24.20 17.66 -8.44
C GLU C 523 24.53 19.15 -8.62
N LEU C 524 23.56 19.93 -9.12
CA LEU C 524 23.71 21.38 -9.19
C LEU C 524 23.84 21.94 -7.78
N VAL C 525 22.82 21.69 -6.97
CA VAL C 525 22.79 22.18 -5.58
C VAL C 525 24.05 21.76 -4.83
N TRP C 526 24.52 20.55 -5.10
CA TRP C 526 25.74 20.01 -4.50
C TRP C 526 26.95 20.88 -4.82
N LYS C 527 27.23 21.04 -6.12
CA LYS C 527 28.35 21.87 -6.58
C LYS C 527 28.16 23.34 -6.17
N GLU C 528 26.91 23.79 -6.13
CA GLU C 528 26.62 25.16 -5.74
C GLU C 528 26.75 25.38 -4.24
N LEU C 529 26.47 24.34 -3.44
CA LEU C 529 26.52 24.45 -1.98
C LEU C 529 27.95 24.57 -1.47
N GLU C 530 28.87 23.85 -2.09
CA GLU C 530 30.28 23.89 -1.68
C GLU C 530 31.01 25.07 -2.33
N GLU C 531 31.01 25.12 -3.67
CA GLU C 531 31.82 26.08 -4.42
C GLU C 531 31.49 27.56 -4.18
N LYS C 532 30.26 27.86 -3.79
CA LYS C 532 29.87 29.26 -3.58
C LYS C 532 29.43 29.62 -2.16
N PHE C 533 29.23 28.62 -1.31
CA PHE C 533 28.85 28.86 0.10
C PHE C 533 29.79 28.20 1.11
N GLY C 534 30.76 27.43 0.64
CA GLY C 534 31.82 26.90 1.49
C GLY C 534 31.43 25.71 2.36
N PHE C 535 30.21 25.22 2.22
CA PHE C 535 29.75 24.04 2.95
C PHE C 535 30.47 22.80 2.44
N LYS C 536 30.39 21.71 3.21
CA LYS C 536 30.91 20.41 2.79
C LYS C 536 29.77 19.39 2.81
N VAL C 537 29.33 18.98 1.62
CA VAL C 537 28.21 18.04 1.50
C VAL C 537 28.67 16.63 1.89
N LEU C 538 28.12 16.13 2.98
CA LEU C 538 28.59 14.89 3.60
C LEU C 538 27.95 13.64 2.99
N TYR C 539 26.70 13.76 2.55
CA TYR C 539 25.95 12.62 2.00
C TYR C 539 24.78 13.09 1.14
N ILE C 540 24.42 12.27 0.17
CA ILE C 540 23.30 12.55 -0.73
C ILE C 540 22.52 11.27 -1.02
N ASP C 541 21.20 11.41 -1.20
CA ASP C 541 20.39 10.30 -1.70
C ASP C 541 19.12 10.82 -2.37
N THR C 542 19.18 10.96 -3.69
CA THR C 542 18.02 11.27 -4.54
C THR C 542 17.40 12.65 -4.25
N ASP C 543 16.82 12.78 -3.07
CA ASP C 543 15.88 13.84 -2.73
C ASP C 543 16.57 14.97 -1.97
N GLY C 544 17.57 14.63 -1.16
CA GLY C 544 18.21 15.60 -0.27
C GLY C 544 19.68 15.38 0.03
N LEU C 545 20.30 16.41 0.60
CA LEU C 545 21.72 16.40 0.93
C LEU C 545 21.89 16.62 2.42
N HIS C 546 23.00 16.13 2.96
CA HIS C 546 23.48 16.54 4.26
C HIS C 546 24.69 17.44 4.06
N ALA C 547 24.82 18.47 4.90
CA ALA C 547 25.89 19.44 4.73
C ALA C 547 26.38 19.98 6.07
N THR C 548 27.52 20.67 6.03
CA THR C 548 28.06 21.37 7.19
C THR C 548 29.22 22.26 6.77
N ILE C 549 29.63 23.16 7.67
CA ILE C 549 30.87 23.93 7.52
C ILE C 549 31.83 23.42 8.60
N PRO C 550 32.67 22.41 8.24
CA PRO C 550 33.40 21.64 9.25
C PRO C 550 34.14 22.47 10.31
N GLY C 551 33.64 22.42 11.53
CA GLY C 551 34.21 23.19 12.64
C GLY C 551 33.47 24.48 12.94
N GLY C 552 32.70 24.97 11.97
CA GLY C 552 32.03 26.26 12.10
C GLY C 552 31.04 26.35 13.25
N GLU C 553 30.67 27.57 13.62
CA GLU C 553 29.70 27.81 14.68
C GLU C 553 28.29 27.37 14.26
N SER C 554 27.58 26.76 15.20
CA SER C 554 26.21 26.27 14.99
C SER C 554 25.32 27.31 14.30
N GLU C 555 25.17 28.47 14.94
CA GLU C 555 24.23 29.48 14.49
C GLU C 555 24.61 30.13 13.16
N GLU C 556 25.88 30.00 12.78
CA GLU C 556 26.34 30.48 11.48
C GLU C 556 25.95 29.48 10.39
N ILE C 557 26.17 28.19 10.67
CA ILE C 557 25.80 27.12 9.75
C ILE C 557 24.31 27.18 9.41
N LYS C 558 23.49 27.48 10.41
CA LYS C 558 22.05 27.66 10.20
C LYS C 558 21.78 28.90 9.37
N LYS C 559 22.36 30.03 9.78
CA LYS C 559 22.11 31.32 9.12
C LYS C 559 22.44 31.25 7.64
N LYS C 560 23.56 30.63 7.30
CA LYS C 560 23.97 30.48 5.91
C LYS C 560 23.15 29.43 5.16
N ALA C 561 22.72 28.40 5.88
CA ALA C 561 21.88 27.36 5.29
C ALA C 561 20.58 27.96 4.76
N LEU C 562 19.89 28.74 5.60
CA LEU C 562 18.68 29.45 5.18
C LEU C 562 18.97 30.33 3.98
N GLU C 563 20.12 31.01 3.99
CA GLU C 563 20.51 31.89 2.90
C GLU C 563 20.75 31.13 1.59
N PHE C 564 21.28 29.90 1.69
CA PHE C 564 21.58 29.11 0.50
C PHE C 564 20.32 28.63 -0.23
N VAL C 565 19.29 28.26 0.52
CA VAL C 565 18.02 27.85 -0.08
C VAL C 565 17.30 29.07 -0.66
N LYS C 566 17.57 30.23 -0.08
CA LYS C 566 16.96 31.48 -0.55
C LYS C 566 17.60 31.90 -1.88
N TYR C 567 18.83 31.48 -2.09
CA TYR C 567 19.58 31.85 -3.29
C TYR C 567 19.39 30.81 -4.39
N ILE C 568 19.48 29.54 -4.03
CA ILE C 568 19.43 28.47 -5.01
C ILE C 568 18.06 28.40 -5.69
N ASN C 569 17.00 28.63 -4.94
CA ASN C 569 15.65 28.61 -5.52
C ASN C 569 15.48 29.62 -6.65
N SER C 570 16.18 30.75 -6.57
CA SER C 570 16.17 31.71 -7.67
C SER C 570 16.82 31.17 -8.95
N LYS C 571 17.70 30.18 -8.78
CA LYS C 571 18.38 29.54 -9.91
C LYS C 571 17.62 28.35 -10.50
N LEU C 572 16.61 27.86 -9.79
CA LEU C 572 15.86 26.67 -10.20
C LEU C 572 14.60 27.01 -11.00
N PRO C 573 14.32 26.24 -12.06
CA PRO C 573 13.19 26.53 -12.95
C PRO C 573 11.85 26.00 -12.43
N GLY C 574 10.77 26.70 -12.78
CA GLY C 574 9.41 26.24 -12.50
C GLY C 574 9.10 26.00 -11.04
N LEU C 575 8.75 24.76 -10.73
CA LEU C 575 8.28 24.36 -9.40
C LEU C 575 9.39 23.74 -8.56
N LEU C 576 10.52 23.44 -9.19
CA LEU C 576 11.66 22.88 -8.47
C LEU C 576 12.10 23.83 -7.36
N GLU C 577 11.82 23.41 -6.12
CA GLU C 577 12.06 24.21 -4.94
C GLU C 577 12.82 23.37 -3.93
N LEU C 578 13.79 23.98 -3.25
CA LEU C 578 14.55 23.33 -2.19
C LEU C 578 14.14 23.93 -0.87
N GLU C 579 14.27 23.16 0.21
CA GLU C 579 13.91 23.66 1.54
C GLU C 579 14.91 23.27 2.63
N TYR C 580 14.86 24.03 3.73
CA TYR C 580 15.64 23.75 4.94
C TYR C 580 14.80 22.82 5.82
N GLU C 581 15.18 21.54 5.88
CA GLU C 581 14.37 20.54 6.57
C GLU C 581 14.61 20.54 8.08
N GLY C 582 15.87 20.61 8.48
CA GLY C 582 16.21 20.58 9.90
C GLY C 582 17.69 20.48 10.21
N PHE C 583 18.00 20.59 11.50
CA PHE C 583 19.38 20.67 12.00
C PHE C 583 19.65 19.52 12.96
N TYR C 584 20.86 18.97 12.89
CA TYR C 584 21.25 17.84 13.74
C TYR C 584 22.61 18.09 14.39
N LYS C 585 22.65 18.03 15.72
CA LYS C 585 23.83 18.38 16.50
C LYS C 585 25.02 17.53 16.10
N ARG C 586 24.79 16.23 15.96
CA ARG C 586 25.79 15.33 15.41
C ARG C 586 25.19 14.42 14.33
N GLY C 587 26.05 13.64 13.69
CA GLY C 587 25.63 12.69 12.68
C GLY C 587 26.74 11.71 12.36
N PHE C 588 26.38 10.45 12.19
CA PHE C 588 27.34 9.39 11.93
C PHE C 588 26.94 8.64 10.67
N PHE C 589 27.77 8.72 9.63
CA PHE C 589 27.46 8.12 8.33
C PHE C 589 28.27 6.86 8.04
N VAL C 590 27.65 5.69 8.19
CA VAL C 590 28.34 4.41 8.06
C VAL C 590 28.59 4.04 6.60
N THR C 591 27.53 3.85 5.83
CA THR C 591 27.65 3.59 4.38
C THR C 591 26.47 4.25 3.65
N LYS C 592 26.33 3.94 2.36
CA LYS C 592 25.17 4.38 1.59
C LYS C 592 23.91 3.80 2.20
N LYS C 593 22.86 4.62 2.31
CA LYS C 593 21.54 4.23 2.84
C LYS C 593 21.56 3.89 4.33
N ARG C 594 22.68 4.11 5.01
CA ARG C 594 22.87 3.63 6.38
C ARG C 594 23.65 4.63 7.22
N TYR C 595 22.96 5.26 8.17
CA TYR C 595 23.51 6.36 8.97
C TYR C 595 22.62 6.70 10.15
N ALA C 596 23.09 7.60 11.01
CA ALA C 596 22.29 8.07 12.14
C ALA C 596 22.62 9.52 12.47
N VAL C 597 21.58 10.30 12.76
CA VAL C 597 21.74 11.69 13.20
C VAL C 597 20.99 11.91 14.51
N ILE C 598 21.39 12.93 15.27
CA ILE C 598 20.78 13.23 16.58
C ILE C 598 20.45 14.71 16.69
N ASP C 599 19.18 15.02 16.91
CA ASP C 599 18.71 16.42 16.91
C ASP C 599 19.15 17.16 18.17
N GLU C 600 18.82 18.45 18.23
CA GLU C 600 19.16 19.28 19.37
C GLU C 600 18.36 18.93 20.64
N GLU C 601 17.29 18.16 20.46
CA GLU C 601 16.46 17.72 21.59
C GLU C 601 16.91 16.36 22.16
N GLY C 602 17.79 15.66 21.44
CA GLY C 602 18.35 14.40 21.93
C GLY C 602 17.83 13.14 21.27
N LYS C 603 16.81 13.28 20.42
CA LYS C 603 16.24 12.13 19.69
C LYS C 603 17.15 11.74 18.55
N VAL C 604 17.29 10.44 18.31
CA VAL C 604 18.17 9.92 17.26
C VAL C 604 17.40 9.23 16.13
N ILE C 605 17.45 9.82 14.94
CA ILE C 605 16.92 9.21 13.73
C ILE C 605 17.96 8.26 13.15
N THR C 606 17.72 6.95 13.26
CA THR C 606 18.60 5.97 12.62
C THR C 606 17.95 5.43 11.35
N ARG C 607 18.70 5.44 10.26
CA ARG C 607 18.21 4.97 8.96
C ARG C 607 19.09 3.83 8.47
N GLY C 608 18.47 2.72 8.04
CA GLY C 608 19.20 1.67 7.34
C GLY C 608 19.94 0.64 8.19
N LEU C 609 20.50 1.09 9.32
CA LEU C 609 21.27 0.21 10.20
C LEU C 609 20.38 -0.89 10.80
N GLU C 610 21.03 -1.86 11.46
CA GLU C 610 20.32 -3.02 12.00
C GLU C 610 19.18 -2.66 12.96
N ILE C 611 19.29 -1.51 13.62
CA ILE C 611 18.24 -0.99 14.51
C ILE C 611 16.82 -1.15 13.96
N VAL C 612 16.63 -0.93 12.66
CA VAL C 612 15.30 -0.93 12.05
C VAL C 612 15.05 -2.10 11.07
N ARG C 613 15.97 -3.07 11.04
CA ARG C 613 15.81 -4.25 10.20
C ARG C 613 14.95 -5.32 10.90
N ARG C 614 14.24 -6.12 10.11
CA ARG C 614 13.48 -7.26 10.65
C ARG C 614 14.40 -8.45 10.90
N ASP C 615 15.19 -8.80 9.87
CA ASP C 615 16.00 -10.02 9.88
C ASP C 615 17.22 -10.00 10.82
N TRP C 616 17.18 -9.12 11.82
CA TRP C 616 18.20 -9.09 12.86
C TRP C 616 17.56 -9.22 14.23
N SER C 617 18.27 -9.87 15.15
CA SER C 617 17.77 -10.11 16.50
C SER C 617 17.68 -8.80 17.28
N GLU C 618 16.63 -8.67 18.10
CA GLU C 618 16.42 -7.45 18.90
C GLU C 618 17.53 -7.22 19.93
N ILE C 619 18.28 -8.28 20.26
CA ILE C 619 19.46 -8.13 21.12
C ILE C 619 20.58 -7.38 20.38
N ALA C 620 20.67 -7.60 19.07
CA ALA C 620 21.65 -6.90 18.22
C ALA C 620 21.22 -5.45 17.97
N LYS C 621 19.92 -5.22 17.86
CA LYS C 621 19.38 -3.88 17.64
C LYS C 621 19.48 -3.04 18.90
N GLU C 622 19.14 -3.65 20.04
CA GLU C 622 19.19 -2.98 21.34
C GLU C 622 20.63 -2.59 21.71
N THR C 623 21.56 -3.53 21.54
CA THR C 623 22.98 -3.27 21.82
C THR C 623 23.52 -2.14 20.95
N GLN C 624 23.29 -2.26 19.64
CA GLN C 624 23.75 -1.26 18.67
C GLN C 624 23.19 0.13 18.95
N ALA C 625 21.93 0.19 19.38
CA ALA C 625 21.28 1.46 19.70
C ALA C 625 21.94 2.17 20.87
N ARG C 626 22.39 1.39 21.87
CA ARG C 626 23.09 1.97 23.02
C ARG C 626 24.53 2.38 22.66
N VAL C 627 25.12 1.72 21.68
CA VAL C 627 26.45 2.09 21.18
C VAL C 627 26.38 3.42 20.44
N LEU C 628 25.39 3.55 19.56
CA LEU C 628 25.11 4.82 18.89
C LEU C 628 24.80 5.92 19.89
N GLU C 629 23.85 5.65 20.79
CA GLU C 629 23.44 6.60 21.83
C GLU C 629 24.66 7.20 22.53
N THR C 630 25.56 6.32 22.98
CA THR C 630 26.73 6.73 23.75
C THR C 630 27.88 7.29 22.88
N ILE C 631 27.64 7.45 21.58
CA ILE C 631 28.58 8.14 20.69
C ILE C 631 28.00 9.47 20.21
N LEU C 632 26.72 9.45 19.81
CA LEU C 632 26.04 10.65 19.35
C LEU C 632 25.90 11.69 20.44
N LYS C 633 25.35 11.30 21.59
CA LYS C 633 25.12 12.25 22.69
C LYS C 633 26.42 12.92 23.14
N HIS C 634 27.43 12.10 23.42
CA HIS C 634 28.73 12.60 23.83
C HIS C 634 29.75 11.47 23.73
N GLY C 635 31.03 11.83 23.75
CA GLY C 635 32.10 10.86 23.60
C GLY C 635 32.36 10.03 24.85
N ASP C 636 31.45 9.09 25.13
CA ASP C 636 31.64 8.13 26.22
C ASP C 636 31.94 6.75 25.64
N VAL C 637 32.95 6.70 24.76
CA VAL C 637 33.35 5.44 24.11
C VAL C 637 33.91 4.43 25.11
N GLU C 638 34.30 4.90 26.29
CA GLU C 638 34.82 4.04 27.36
C GLU C 638 33.75 3.10 27.91
N GLU C 639 32.63 3.65 28.38
CA GLU C 639 31.52 2.80 28.86
C GLU C 639 30.80 2.12 27.69
N ALA C 640 30.90 2.72 26.50
CA ALA C 640 30.32 2.16 25.28
C ALA C 640 30.84 0.75 24.98
N VAL C 641 32.14 0.55 25.19
CA VAL C 641 32.75 -0.77 25.00
C VAL C 641 32.31 -1.73 26.12
N ARG C 642 32.08 -1.18 27.32
CA ARG C 642 31.55 -1.97 28.44
C ARG C 642 30.08 -2.36 28.25
N ILE C 643 29.29 -1.50 27.62
CA ILE C 643 27.87 -1.78 27.33
C ILE C 643 27.72 -3.06 26.52
N VAL C 644 28.51 -3.19 25.45
CA VAL C 644 28.45 -4.36 24.58
C VAL C 644 29.04 -5.61 25.23
N LYS C 645 30.14 -5.45 25.97
CA LYS C 645 30.78 -6.58 26.68
C LYS C 645 29.94 -7.07 27.87
N GLU C 646 29.08 -6.20 28.41
CA GLU C 646 28.11 -6.60 29.42
C GLU C 646 27.04 -7.52 28.82
N VAL C 647 26.68 -7.26 27.58
CA VAL C 647 25.68 -8.06 26.87
C VAL C 647 26.19 -9.45 26.48
N ILE C 648 27.50 -9.57 26.24
CA ILE C 648 28.12 -10.85 25.89
C ILE C 648 27.99 -11.88 27.03
N GLN C 649 28.16 -11.42 28.27
CA GLN C 649 28.04 -12.29 29.44
C GLN C 649 26.59 -12.69 29.71
N LYS C 650 25.67 -11.73 29.60
CA LYS C 650 24.23 -12.01 29.77
C LYS C 650 23.69 -12.95 28.70
N LEU C 651 24.18 -12.79 27.46
CA LEU C 651 23.85 -13.70 26.37
C LEU C 651 24.55 -15.05 26.52
N ALA C 652 25.70 -15.04 27.18
CA ALA C 652 26.44 -16.26 27.51
C ALA C 652 25.78 -17.04 28.65
N ASN C 653 25.31 -16.32 29.66
CA ASN C 653 24.65 -16.93 30.83
C ASN C 653 23.21 -17.38 30.59
N TYR C 654 22.74 -17.23 29.34
CA TYR C 654 21.33 -17.48 29.00
C TYR C 654 20.39 -16.63 29.87
N GLU C 655 20.83 -15.41 30.16
CA GLU C 655 20.11 -14.48 31.02
C GLU C 655 19.23 -13.53 30.19
N ILE C 656 19.38 -13.59 28.87
CA ILE C 656 18.58 -12.78 27.96
C ILE C 656 17.27 -13.52 27.63
N PRO C 657 16.13 -12.80 27.65
CA PRO C 657 14.84 -13.45 27.37
C PRO C 657 14.67 -13.94 25.92
N PRO C 658 13.49 -14.53 25.60
CA PRO C 658 13.12 -14.80 24.22
C PRO C 658 12.59 -13.51 23.56
N GLU C 659 12.10 -13.62 22.33
CA GLU C 659 11.64 -12.46 21.53
C GLU C 659 12.79 -11.54 21.14
N LYS C 660 13.66 -11.21 22.09
CA LYS C 660 14.91 -10.52 21.79
C LYS C 660 15.92 -11.43 21.08
N LEU C 661 15.55 -12.71 20.90
CA LEU C 661 16.35 -13.66 20.12
C LEU C 661 15.68 -14.01 18.77
N ALA C 662 14.53 -13.41 18.49
CA ALA C 662 13.74 -13.76 17.30
C ALA C 662 14.25 -13.02 16.06
N ILE C 663 14.29 -13.74 14.94
CA ILE C 663 14.70 -13.18 13.65
C ILE C 663 13.58 -13.37 12.63
N TYR C 664 13.06 -12.28 12.10
CA TYR C 664 11.91 -12.31 11.18
C TYR C 664 12.33 -12.23 9.71
N GLU C 665 11.80 -13.15 8.90
CA GLU C 665 12.05 -13.15 7.46
C GLU C 665 10.81 -13.62 6.68
N GLN C 666 10.24 -12.72 5.88
CA GLN C 666 9.08 -12.99 5.05
C GLN C 666 9.33 -14.14 4.06
N ILE C 667 8.26 -14.90 3.78
CA ILE C 667 8.27 -15.91 2.74
C ILE C 667 7.67 -15.29 1.49
N THR C 668 8.48 -15.12 0.44
CA THR C 668 8.09 -14.34 -0.74
C THR C 668 7.58 -15.19 -1.91
N ARG C 669 7.73 -16.52 -1.81
CA ARG C 669 7.32 -17.44 -2.88
C ARG C 669 6.50 -18.59 -2.30
N PRO C 670 5.93 -19.43 -3.18
CA PRO C 670 5.48 -20.75 -2.73
C PRO C 670 6.67 -21.61 -2.35
N LEU C 671 6.51 -22.43 -1.30
CA LEU C 671 7.61 -23.25 -0.79
C LEU C 671 8.18 -24.20 -1.84
N HIS C 672 7.36 -24.59 -2.81
CA HIS C 672 7.77 -25.44 -3.92
C HIS C 672 8.78 -24.73 -4.85
N GLU C 673 8.57 -23.43 -5.07
CA GLU C 673 9.38 -22.67 -6.02
C GLU C 673 10.75 -22.21 -5.48
N TYR C 674 11.00 -22.43 -4.19
CA TYR C 674 12.30 -22.07 -3.59
C TYR C 674 13.43 -22.93 -4.14
N LYS C 675 14.41 -22.26 -4.78
CA LYS C 675 15.57 -22.94 -5.34
C LYS C 675 16.74 -23.02 -4.35
N ALA C 676 16.67 -22.25 -3.27
CA ALA C 676 17.70 -22.26 -2.22
C ALA C 676 17.04 -22.14 -0.85
N ILE C 677 17.33 -23.11 0.03
CA ILE C 677 16.72 -23.18 1.36
C ILE C 677 17.48 -22.33 2.38
N GLY C 678 16.75 -21.41 3.03
CA GLY C 678 17.30 -20.59 4.11
C GLY C 678 16.85 -21.09 5.48
N PRO C 679 17.14 -20.30 6.54
CA PRO C 679 16.69 -20.68 7.89
C PRO C 679 15.20 -20.48 8.12
N HIS C 680 14.66 -19.37 7.62
CA HIS C 680 13.23 -19.08 7.75
C HIS C 680 12.39 -19.96 6.82
N VAL C 681 13.01 -20.51 5.78
CA VAL C 681 12.32 -21.42 4.86
C VAL C 681 12.19 -22.81 5.46
N ALA C 682 13.28 -23.33 6.03
CA ALA C 682 13.31 -24.68 6.62
C ALA C 682 12.35 -24.83 7.81
N VAL C 683 12.06 -23.71 8.50
CA VAL C 683 11.08 -23.69 9.59
C VAL C 683 9.66 -23.79 9.02
N ALA C 684 9.35 -22.95 8.03
CA ALA C 684 8.04 -22.91 7.39
C ALA C 684 7.77 -24.11 6.47
N LYS C 685 8.83 -24.84 6.11
CA LYS C 685 8.72 -26.04 5.28
C LYS C 685 8.28 -27.25 6.10
N LYS C 686 8.79 -27.35 7.33
CA LYS C 686 8.42 -28.44 8.24
C LYS C 686 7.11 -28.17 8.98
N LEU C 687 6.70 -26.91 9.07
CA LEU C 687 5.37 -26.55 9.57
C LEU C 687 4.29 -26.95 8.58
N ALA C 688 4.52 -26.64 7.30
CA ALA C 688 3.62 -27.06 6.22
C ALA C 688 3.57 -28.59 6.08
N ALA C 689 4.62 -29.26 6.54
CA ALA C 689 4.65 -30.73 6.63
C ALA C 689 3.63 -31.27 7.65
N LYS C 690 3.26 -30.45 8.64
CA LYS C 690 2.23 -30.80 9.62
C LYS C 690 0.87 -30.15 9.29
N GLY C 691 0.66 -29.83 8.01
CA GLY C 691 -0.62 -29.29 7.54
C GLY C 691 -0.90 -27.84 7.86
N VAL C 692 0.15 -27.08 8.16
CA VAL C 692 -0.01 -25.65 8.51
C VAL C 692 -0.10 -24.80 7.25
N LYS C 693 -0.88 -23.72 7.34
CA LYS C 693 -1.17 -22.83 6.21
C LYS C 693 -0.08 -21.76 6.05
N ILE C 694 0.93 -22.06 5.25
CA ILE C 694 2.02 -21.11 4.93
C ILE C 694 1.82 -20.51 3.54
N LYS C 695 1.49 -19.23 3.49
CA LYS C 695 1.23 -18.52 2.23
C LYS C 695 2.25 -17.39 2.02
N PRO C 696 2.37 -16.89 0.78
CA PRO C 696 3.30 -15.78 0.52
C PRO C 696 2.89 -14.48 1.23
N GLY C 697 3.90 -13.73 1.70
CA GLY C 697 3.68 -12.54 2.52
C GLY C 697 3.79 -12.80 4.01
N MET C 698 3.74 -14.07 4.40
CA MET C 698 3.74 -14.48 5.80
C MET C 698 5.13 -14.38 6.40
N VAL C 699 5.27 -13.54 7.43
CA VAL C 699 6.54 -13.30 8.10
C VAL C 699 6.66 -14.15 9.36
N ILE C 700 7.51 -15.18 9.31
CA ILE C 700 7.73 -16.08 10.46
C ILE C 700 9.04 -15.76 11.16
N GLY C 701 9.07 -16.01 12.47
CA GLY C 701 10.25 -15.77 13.29
C GLY C 701 10.94 -17.07 13.69
N TYR C 702 12.25 -17.12 13.52
CA TYR C 702 13.03 -18.31 13.89
C TYR C 702 14.10 -17.97 14.93
N ILE C 703 14.03 -18.66 16.07
CA ILE C 703 15.09 -18.58 17.08
C ILE C 703 16.02 -19.77 16.88
N VAL C 704 17.32 -19.51 16.83
CA VAL C 704 18.31 -20.58 16.67
C VAL C 704 18.48 -21.31 18.01
N LEU C 705 18.53 -22.64 17.96
CA LEU C 705 18.70 -23.46 19.17
C LEU C 705 20.12 -24.00 19.26
N ARG C 706 20.63 -24.18 20.48
CA ARG C 706 22.00 -24.63 20.71
C ARG C 706 22.19 -26.08 20.28
N GLY C 707 23.08 -26.29 19.32
CA GLY C 707 23.40 -27.62 18.83
C GLY C 707 24.62 -27.62 17.93
N ASP C 708 24.55 -28.40 16.85
CA ASP C 708 25.62 -28.48 15.86
C ASP C 708 25.10 -29.00 14.52
N GLY C 709 25.38 -28.26 13.45
CA GLY C 709 24.91 -28.63 12.12
C GLY C 709 24.50 -27.44 11.28
N PRO C 710 23.56 -27.65 10.33
CA PRO C 710 23.08 -26.56 9.47
C PRO C 710 22.29 -25.50 10.23
N ILE C 711 22.53 -24.23 9.91
CA ILE C 711 21.85 -23.11 10.56
C ILE C 711 20.33 -23.11 10.38
N SER C 712 19.85 -23.76 9.30
CA SER C 712 18.44 -23.77 8.97
C SER C 712 17.63 -24.77 9.80
N ASN C 713 18.11 -26.01 9.87
CA ASN C 713 17.41 -27.07 10.61
C ASN C 713 17.52 -26.94 12.13
N ARG C 714 18.43 -26.09 12.59
CA ARG C 714 18.59 -25.80 14.02
C ARG C 714 17.64 -24.70 14.51
N ALA C 715 17.01 -23.98 13.58
CA ALA C 715 16.11 -22.87 13.91
C ALA C 715 14.69 -23.37 14.19
N ILE C 716 14.17 -23.00 15.36
CA ILE C 716 12.81 -23.35 15.77
C ILE C 716 11.96 -22.08 15.82
N LEU C 717 10.64 -22.24 15.65
CA LEU C 717 9.70 -21.11 15.65
C LEU C 717 9.84 -20.23 16.88
N ALA C 718 9.73 -18.92 16.68
CA ALA C 718 9.88 -17.93 17.76
C ALA C 718 8.61 -17.79 18.60
N GLU C 719 7.45 -18.11 18.02
CA GLU C 719 6.17 -18.03 18.75
C GLU C 719 6.14 -18.93 19.98
N GLU C 720 6.81 -20.08 19.90
CA GLU C 720 6.95 -20.99 21.04
C GLU C 720 8.40 -21.39 21.25
N TYR C 721 8.98 -20.89 22.35
CA TYR C 721 10.37 -21.14 22.71
C TYR C 721 10.54 -22.50 23.38
N ASP C 722 11.78 -22.84 23.76
CA ASP C 722 12.09 -24.10 24.45
C ASP C 722 12.62 -23.84 25.87
N PRO C 723 11.72 -23.76 26.86
CA PRO C 723 12.14 -23.53 28.25
C PRO C 723 13.08 -24.61 28.79
N TYR C 728 19.67 -21.71 23.08
CA TYR C 728 20.09 -21.05 21.84
C TYR C 728 21.61 -20.96 21.75
N ASP C 729 22.12 -21.02 20.51
CA ASP C 729 23.56 -21.02 20.27
C ASP C 729 24.14 -19.63 20.54
N ALA C 730 24.89 -19.52 21.64
CA ALA C 730 25.48 -18.24 22.06
C ALA C 730 26.59 -17.76 21.12
N GLU C 731 27.16 -18.68 20.33
CA GLU C 731 28.18 -18.32 19.34
C GLU C 731 27.56 -17.55 18.16
N TYR C 732 26.33 -17.89 17.80
CA TYR C 732 25.64 -17.23 16.69
C TYR C 732 25.22 -15.82 17.05
N TYR C 733 24.47 -15.68 18.13
CA TYR C 733 23.94 -14.38 18.56
C TYR C 733 25.04 -13.38 18.93
N ILE C 734 26.23 -13.89 19.26
CA ILE C 734 27.39 -13.03 19.54
C ILE C 734 28.19 -12.76 18.26
N GLU C 735 28.90 -13.78 17.77
CA GLU C 735 29.85 -13.60 16.66
C GLU C 735 29.19 -13.36 15.29
N ASN C 736 27.91 -13.70 15.15
CA ASN C 736 27.21 -13.54 13.88
C ASN C 736 25.99 -12.61 13.94
N GLN C 737 25.87 -11.83 15.02
CA GLN C 737 24.78 -10.85 15.13
C GLN C 737 25.15 -9.59 15.91
N VAL C 738 25.37 -9.70 17.21
CA VAL C 738 25.66 -8.53 18.06
C VAL C 738 27.03 -7.93 17.76
N LEU C 739 28.04 -8.78 17.58
CA LEU C 739 29.40 -8.30 17.25
C LEU C 739 29.42 -7.61 15.88
N PRO C 740 29.02 -8.32 14.81
CA PRO C 740 28.93 -7.64 13.51
C PRO C 740 28.12 -6.35 13.56
N ALA C 741 26.99 -6.37 14.27
CA ALA C 741 26.13 -5.18 14.41
C ALA C 741 26.88 -4.01 15.01
N VAL C 742 27.50 -4.24 16.18
CA VAL C 742 28.23 -3.19 16.89
C VAL C 742 29.51 -2.79 16.16
N LEU C 743 30.12 -3.75 15.46
CA LEU C 743 31.33 -3.49 14.69
C LEU C 743 31.14 -2.43 13.60
N ARG C 744 29.96 -2.40 12.98
CA ARG C 744 29.67 -1.43 11.90
C ARG C 744 29.95 0.02 12.28
N ILE C 745 29.69 0.36 13.54
CA ILE C 745 29.95 1.70 14.05
C ILE C 745 31.39 1.83 14.52
N LEU C 746 31.85 0.88 15.33
CA LEU C 746 33.19 0.90 15.92
C LEU C 746 34.32 0.59 14.92
N GLU C 747 33.97 0.06 13.75
CA GLU C 747 34.95 -0.17 12.68
C GLU C 747 35.69 1.12 12.32
N GLY C 748 34.93 2.22 12.20
CA GLY C 748 35.50 3.54 11.93
C GLY C 748 36.39 4.06 13.03
N PHE C 749 36.18 3.58 14.26
CA PHE C 749 37.04 3.91 15.41
C PHE C 749 38.25 2.96 15.54
N GLY C 750 38.33 1.97 14.66
CA GLY C 750 39.49 1.09 14.57
C GLY C 750 39.44 -0.20 15.38
N TYR C 751 38.35 -0.40 16.15
CA TYR C 751 38.23 -1.54 17.05
C TYR C 751 38.12 -2.88 16.31
N ARG C 752 38.86 -3.88 16.76
CA ARG C 752 38.72 -5.25 16.29
C ARG C 752 37.79 -6.00 17.25
N LYS C 753 37.70 -7.33 17.11
CA LYS C 753 36.86 -8.16 17.99
C LYS C 753 37.45 -8.18 19.41
N GLU C 754 37.02 -7.21 20.22
CA GLU C 754 37.60 -6.98 21.55
C GLU C 754 36.51 -6.67 22.58
#